data_5CNJ
#
_entry.id   5CNJ
#
_cell.length_a   80.391
_cell.length_b   155.087
_cell.length_c   92.714
_cell.angle_alpha   90.00
_cell.angle_beta   90.00
_cell.angle_gamma   90.00
#
_symmetry.space_group_name_H-M   'P 21 21 2'
#
loop_
_entity.id
_entity.type
_entity.pdbx_description
1 polymer 'Metabotropic glutamate receptor 2'
2 non-polymer 2-acetamido-2-deoxy-beta-D-glucopyranose
3 non-polymer '(1R,2S,4R,5R,6R)-2-amino-4-(1H-1,2,4-triazol-3-ylsulfanyl)bicyclo[3.1.0]hexane-2,6-dicarboxylic acid'
4 water water
#
_entity_poly.entity_id   1
_entity_poly.type   'polypeptide(L)'
_entity_poly.pdbx_seq_one_letter_code
;MALGSLLALLALLLLWGAVAEGPAKKVLTLEGDLVLGGLFPVHQKGGPAEDCGPVNEHRGIQRLEAMLFALDRINRDPHL
LPGVRLGAHILDSCSKDTHALEQALDFVRASLSRGADGSRHICPDGSYATHGDAPTAITGVIGGSYSDVSIQVANLLRLF
QIPQISYASTSAKLSDKSRYDYFARTVPPDFFQAKAMAEILRFFNWTYVSTVASEGDYGETGIEAFELEARARNISVATS
EKVGRAMSRAAFEGVVRALLQKPSARVAVLFTRSEDARELLAASQRLNASFTWVASDGWGALESVVAGSEGAAEGAITIE
LASYPISDFASYFQSLDPWNNSRNPWFREFWEQRFRCSFRQRDCAAHSLRAVPFEQESKIMFVVNAVYAMAHALHNMHRA
LCPNTTRLCDAMRPVNGRRLYKDFVLNVKFDAPFRPADTHNEVRFDRFGDGIGRYNIFTYLRAGSGRYRYQKVGYWAEGL
TLDTSLIPWASPSAGEGHHHHHH
;
_entity_poly.pdbx_strand_id   A,B
#
loop_
_chem_comp.id
_chem_comp.type
_chem_comp.name
_chem_comp.formula
52Q non-polymer '(1R,2S,4R,5R,6R)-2-amino-4-(1H-1,2,4-triazol-3-ylsulfanyl)bicyclo[3.1.0]hexane-2,6-dicarboxylic acid' 'C10 H12 N4 O4 S'
NAG D-saccharide, beta linking 2-acetamido-2-deoxy-beta-D-glucopyranose 'C8 H15 N O6'
#
# COMPACT_ATOMS: atom_id res chain seq x y z
N ALA A 24 11.30 22.28 -12.94
CA ALA A 24 11.63 20.85 -12.94
C ALA A 24 12.81 20.49 -12.01
N LYS A 25 12.84 19.20 -11.57
CA LYS A 25 13.86 18.62 -10.69
C LYS A 25 14.99 17.96 -11.51
N LYS A 26 16.22 18.06 -11.04
CA LYS A 26 17.36 17.54 -11.76
C LYS A 26 17.59 16.07 -11.55
N VAL A 27 18.43 15.52 -12.38
CA VAL A 27 18.77 14.13 -12.30
C VAL A 27 20.27 14.06 -12.49
N LEU A 28 20.88 12.99 -12.01
CA LEU A 28 22.29 12.79 -12.18
C LEU A 28 22.49 11.69 -13.18
N THR A 29 23.05 11.99 -14.33
CA THR A 29 23.24 10.96 -15.34
C THR A 29 24.68 10.77 -15.69
N LEU A 30 25.04 9.51 -15.90
CA LEU A 30 26.36 9.09 -16.32
C LEU A 30 26.19 8.10 -17.43
N GLU A 31 27.04 8.18 -18.45
CA GLU A 31 26.92 7.33 -19.61
C GLU A 31 27.64 6.02 -19.48
N GLY A 32 27.10 5.01 -20.12
CA GLY A 32 27.69 3.70 -20.11
C GLY A 32 26.98 2.79 -21.08
N ASP A 33 27.40 1.55 -21.15
CA ASP A 33 26.81 0.61 -22.07
C ASP A 33 25.54 0.10 -21.47
N LEU A 34 25.63 -0.21 -20.20
CA LEU A 34 24.46 -0.58 -19.39
C LEU A 34 24.30 0.52 -18.36
N VAL A 35 23.05 1.00 -18.17
CA VAL A 35 22.68 2.07 -17.24
C VAL A 35 21.81 1.56 -16.05
N LEU A 36 22.29 1.85 -14.85
CA LEU A 36 21.67 1.48 -13.59
C LEU A 36 20.95 2.65 -13.00
N GLY A 37 19.75 2.40 -12.55
CA GLY A 37 18.95 3.40 -11.88
C GLY A 37 19.35 3.57 -10.44
N GLY A 38 19.19 4.77 -9.93
CA GLY A 38 19.49 5.10 -8.56
C GLY A 38 18.36 5.89 -7.96
N LEU A 39 18.08 5.65 -6.66
CA LEU A 39 17.01 6.33 -5.93
C LEU A 39 17.46 6.54 -4.53
N PHE A 40 17.62 7.82 -4.15
CA PHE A 40 18.11 8.20 -2.84
C PHE A 40 17.30 9.37 -2.28
N PRO A 41 17.17 9.48 -0.93
CA PRO A 41 16.40 10.60 -0.36
C PRO A 41 17.34 11.80 -0.23
N VAL A 42 17.65 12.43 -1.39
CA VAL A 42 18.59 13.53 -1.45
C VAL A 42 18.10 14.65 -0.54
N HIS A 43 16.81 14.98 -0.65
CA HIS A 43 16.18 15.99 0.22
C HIS A 43 15.24 15.32 1.20
N GLN A 44 14.75 16.09 2.18
CA GLN A 44 13.79 15.63 3.19
C GLN A 44 12.42 15.94 2.60
N LYS A 45 11.35 15.51 3.29
CA LYS A 45 9.99 15.80 2.88
C LYS A 45 9.87 17.32 2.96
N GLY A 46 9.26 17.93 1.97
CA GLY A 46 9.06 19.38 2.01
C GLY A 46 7.97 19.74 3.00
N GLY A 47 7.60 21.01 3.03
CA GLY A 47 6.55 21.48 3.92
C GLY A 47 5.18 20.90 3.59
N PRO A 48 4.10 21.35 4.29
CA PRO A 48 2.76 20.81 3.97
C PRO A 48 2.26 21.19 2.56
N ALA A 49 2.98 22.11 1.87
CA ALA A 49 2.65 22.61 0.52
C ALA A 49 3.85 22.63 -0.49
N GLU A 50 5.04 22.12 -0.09
CA GLU A 50 6.24 21.99 -0.94
C GLU A 50 6.64 20.53 -1.00
N ASP A 51 7.09 20.03 -2.16
CA ASP A 51 7.43 18.60 -2.23
C ASP A 51 8.80 18.22 -1.61
N CYS A 52 9.84 19.02 -1.88
CA CYS A 52 11.16 18.74 -1.38
C CYS A 52 11.64 19.76 -0.36
N GLY A 53 12.33 19.25 0.65
CA GLY A 53 12.82 20.04 1.77
C GLY A 53 14.31 20.24 1.73
N PRO A 54 14.96 20.56 2.88
CA PRO A 54 16.43 20.73 2.85
C PRO A 54 17.17 19.44 2.51
N VAL A 55 18.47 19.55 2.26
CA VAL A 55 19.34 18.44 1.84
C VAL A 55 19.59 17.48 3.02
N ASN A 56 19.65 16.17 2.73
CA ASN A 56 19.93 15.07 3.66
C ASN A 56 21.37 14.69 3.39
N GLU A 57 22.28 15.15 4.26
CA GLU A 57 23.71 14.92 4.17
C GLU A 57 24.10 13.43 4.18
N HIS A 58 23.61 12.66 5.16
CA HIS A 58 24.00 11.26 5.33
C HIS A 58 23.17 10.26 4.54
N ARG A 59 21.83 10.23 4.71
CA ARG A 59 20.99 9.28 3.98
C ARG A 59 20.85 9.63 2.50
N GLY A 60 21.12 10.89 2.14
CA GLY A 60 21.03 11.34 0.75
C GLY A 60 22.34 11.41 -0.04
N ILE A 61 23.14 12.47 0.21
CA ILE A 61 24.43 12.82 -0.41
C ILE A 61 25.46 11.74 -0.21
N GLN A 62 25.62 11.27 1.03
CA GLN A 62 26.62 10.25 1.32
C GLN A 62 26.25 8.94 0.67
N ARG A 63 24.98 8.50 0.80
CA ARG A 63 24.52 7.25 0.15
C ARG A 63 24.58 7.37 -1.38
N LEU A 64 24.21 8.52 -1.92
CA LEU A 64 24.27 8.77 -3.37
C LEU A 64 25.72 8.67 -3.86
N GLU A 65 26.65 9.31 -3.14
CA GLU A 65 28.08 9.32 -3.47
C GLU A 65 28.68 7.93 -3.37
N ALA A 66 28.20 7.13 -2.43
CA ALA A 66 28.60 5.75 -2.25
C ALA A 66 28.26 4.89 -3.48
N MET A 67 27.13 5.16 -4.18
CA MET A 67 26.78 4.43 -5.40
C MET A 67 27.76 4.82 -6.53
N LEU A 68 28.09 6.13 -6.62
CA LEU A 68 29.03 6.72 -7.59
C LEU A 68 30.44 6.19 -7.37
N PHE A 69 30.83 6.01 -6.09
CA PHE A 69 32.11 5.44 -5.71
C PHE A 69 32.19 4.01 -6.21
N ALA A 70 31.14 3.22 -5.98
CA ALA A 70 31.08 1.82 -6.43
C ALA A 70 31.18 1.73 -7.98
N LEU A 71 30.41 2.56 -8.70
CA LEU A 71 30.44 2.59 -10.16
C LEU A 71 31.86 2.83 -10.71
N ASP A 72 32.54 3.88 -10.23
CA ASP A 72 33.91 4.28 -10.58
C ASP A 72 34.87 3.08 -10.42
N ARG A 73 34.88 2.49 -9.22
CA ARG A 73 35.68 1.33 -8.88
C ARG A 73 35.44 0.12 -9.79
N ILE A 74 34.15 -0.16 -10.11
CA ILE A 74 33.73 -1.28 -11.00
C ILE A 74 34.23 -0.99 -12.44
N ASN A 75 34.14 0.28 -12.85
CA ASN A 75 34.55 0.73 -14.17
C ASN A 75 36.08 0.81 -14.36
N ARG A 76 36.88 0.48 -13.33
CA ARG A 76 38.35 0.39 -13.30
C ARG A 76 38.73 -1.08 -13.04
N ASP A 77 37.72 -1.89 -12.65
CA ASP A 77 37.87 -3.30 -12.29
C ASP A 77 38.04 -4.17 -13.53
N PRO A 78 39.12 -4.98 -13.63
CA PRO A 78 39.33 -5.81 -14.82
C PRO A 78 38.78 -7.21 -14.69
N HIS A 79 38.09 -7.49 -13.57
CA HIS A 79 37.49 -8.79 -13.26
C HIS A 79 35.98 -8.66 -13.09
N LEU A 80 35.47 -7.45 -13.33
CA LEU A 80 34.06 -7.13 -13.26
C LEU A 80 33.74 -6.21 -14.40
N LEU A 81 32.99 -6.77 -15.35
CA LEU A 81 32.60 -6.10 -16.58
C LEU A 81 33.79 -5.35 -17.21
N PRO A 82 34.88 -6.05 -17.57
CA PRO A 82 36.06 -5.36 -18.14
C PRO A 82 35.80 -4.57 -19.42
N GLY A 83 34.83 -5.01 -20.22
CA GLY A 83 34.48 -4.36 -21.47
C GLY A 83 33.15 -3.63 -21.48
N VAL A 84 32.27 -3.91 -20.49
CA VAL A 84 30.94 -3.28 -20.34
C VAL A 84 31.03 -2.17 -19.31
N ARG A 85 30.80 -0.92 -19.70
CA ARG A 85 30.82 0.22 -18.79
C ARG A 85 29.41 0.43 -18.17
N LEU A 86 29.37 0.65 -16.83
CA LEU A 86 28.13 0.92 -16.11
C LEU A 86 27.85 2.42 -15.87
N GLY A 87 26.78 2.89 -16.50
CA GLY A 87 26.25 4.25 -16.42
C GLY A 87 25.19 4.38 -15.33
N ALA A 88 24.72 5.63 -15.10
CA ALA A 88 23.76 5.96 -14.06
C ALA A 88 22.63 6.90 -14.47
N HIS A 89 21.53 6.78 -13.75
CA HIS A 89 20.36 7.65 -13.81
C HIS A 89 19.78 7.69 -12.40
N ILE A 90 20.34 8.55 -11.58
CA ILE A 90 19.96 8.67 -10.18
C ILE A 90 18.90 9.75 -9.99
N LEU A 91 17.83 9.36 -9.28
CA LEU A 91 16.69 10.20 -9.03
C LEU A 91 16.56 10.46 -7.55
N ASP A 92 15.96 11.58 -7.21
CA ASP A 92 15.81 11.99 -5.83
C ASP A 92 14.39 11.68 -5.35
N SER A 93 14.27 10.88 -4.32
CA SER A 93 12.94 10.55 -3.83
C SER A 93 12.27 11.68 -3.04
N CYS A 94 13.09 12.58 -2.38
CA CYS A 94 12.65 13.65 -1.47
C CYS A 94 11.89 13.06 -0.29
N SER A 95 12.27 11.79 0.10
CA SER A 95 11.72 11.02 1.21
C SER A 95 10.21 10.79 1.14
N LYS A 96 9.60 10.88 -0.07
CA LYS A 96 8.14 10.75 -0.30
C LYS A 96 7.82 9.77 -1.41
N ASP A 97 6.99 8.77 -1.11
CA ASP A 97 6.59 7.73 -2.07
C ASP A 97 5.98 8.32 -3.36
N THR A 98 5.07 9.30 -3.21
CA THR A 98 4.39 9.98 -4.31
C THR A 98 5.37 10.74 -5.18
N HIS A 99 6.44 11.28 -4.58
CA HIS A 99 7.43 12.05 -5.33
C HIS A 99 8.31 11.08 -6.08
N ALA A 100 8.81 10.05 -5.35
CA ALA A 100 9.64 8.99 -5.93
C ALA A 100 8.98 8.36 -7.15
N LEU A 101 7.65 8.13 -7.10
CA LEU A 101 6.91 7.52 -8.20
C LEU A 101 6.80 8.42 -9.41
N GLU A 102 6.68 9.74 -9.20
CA GLU A 102 6.65 10.73 -10.27
C GLU A 102 7.98 10.62 -11.03
N GLN A 103 9.09 10.60 -10.28
CA GLN A 103 10.46 10.50 -10.79
C GLN A 103 10.77 9.17 -11.44
N ALA A 104 10.43 8.05 -10.77
CA ALA A 104 10.69 6.70 -11.32
C ALA A 104 10.10 6.45 -12.70
N LEU A 105 9.24 7.34 -13.23
CA LEU A 105 8.70 7.17 -14.58
C LEU A 105 9.85 7.24 -15.62
N ASP A 106 10.90 8.01 -15.31
CA ASP A 106 12.11 8.11 -16.12
C ASP A 106 12.70 6.75 -16.31
N PHE A 107 12.43 5.84 -15.37
CA PHE A 107 12.94 4.49 -15.44
C PHE A 107 12.22 3.57 -16.41
N VAL A 108 10.98 3.90 -16.82
CA VAL A 108 10.14 2.99 -17.62
C VAL A 108 9.78 3.48 -19.03
N ARG A 109 10.11 4.74 -19.39
CA ARG A 109 9.82 5.31 -20.71
C ARG A 109 10.49 4.56 -21.88
N ALA A 110 11.76 4.13 -21.71
CA ALA A 110 12.48 3.38 -22.76
C ALA A 110 11.82 2.03 -23.06
N SER A 111 11.18 1.45 -22.03
CA SER A 111 10.43 0.19 -22.15
C SER A 111 9.07 0.44 -22.83
N LEU A 112 8.65 1.74 -22.92
CA LEU A 112 7.44 2.29 -23.56
C LEU A 112 6.15 1.84 -22.91
N PRO A 135 15.71 8.65 -24.70
CA PRO A 135 15.03 7.44 -24.24
C PRO A 135 16.04 6.41 -23.67
N THR A 136 16.53 6.67 -22.44
CA THR A 136 17.52 5.82 -21.77
C THR A 136 16.93 4.50 -21.23
N ALA A 137 17.49 3.36 -21.69
CA ALA A 137 17.10 2.04 -21.23
C ALA A 137 17.82 1.73 -19.92
N ILE A 138 17.04 1.49 -18.84
CA ILE A 138 17.49 1.19 -17.47
C ILE A 138 17.50 -0.33 -17.33
N THR A 139 18.69 -0.90 -17.11
CA THR A 139 18.89 -2.36 -17.02
C THR A 139 18.51 -2.92 -15.62
N GLY A 140 18.55 -2.08 -14.59
CA GLY A 140 18.21 -2.46 -13.24
C GLY A 140 18.30 -1.24 -12.35
N VAL A 141 17.62 -1.27 -11.19
CA VAL A 141 17.57 -0.11 -10.28
C VAL A 141 18.13 -0.44 -8.89
N ILE A 142 18.92 0.46 -8.36
CA ILE A 142 19.49 0.37 -7.03
C ILE A 142 18.74 1.42 -6.28
N GLY A 143 18.02 1.00 -5.25
CA GLY A 143 17.28 2.01 -4.53
C GLY A 143 15.96 1.67 -3.86
N GLY A 144 15.59 2.71 -3.14
CA GLY A 144 14.51 2.79 -2.21
C GLY A 144 15.22 2.62 -0.88
N SER A 145 15.22 3.72 -0.09
CA SER A 145 15.70 3.77 1.29
C SER A 145 14.45 3.39 2.17
N TYR A 146 13.43 4.27 2.21
CA TYR A 146 12.21 4.06 2.98
C TYR A 146 11.38 3.03 2.26
N SER A 147 10.77 2.13 3.03
CA SER A 147 10.02 0.99 2.56
C SER A 147 8.84 1.38 1.67
N ASP A 148 8.08 2.42 2.05
CA ASP A 148 6.95 2.92 1.29
C ASP A 148 7.41 3.20 -0.14
N VAL A 149 8.56 3.85 -0.27
CA VAL A 149 9.20 4.22 -1.54
C VAL A 149 9.56 2.97 -2.37
N SER A 150 10.31 2.01 -1.77
CA SER A 150 10.66 0.77 -2.47
C SER A 150 9.45 -0.01 -2.97
N ILE A 151 8.40 -0.11 -2.15
CA ILE A 151 7.14 -0.76 -2.49
C ILE A 151 6.46 -0.09 -3.70
N GLN A 152 6.24 1.24 -3.64
CA GLN A 152 5.63 2.06 -4.67
C GLN A 152 6.35 1.92 -6.00
N VAL A 153 7.68 2.10 -5.98
CA VAL A 153 8.57 1.94 -7.13
C VAL A 153 8.54 0.49 -7.69
N ALA A 154 8.56 -0.51 -6.80
CA ALA A 154 8.51 -1.92 -7.21
C ALA A 154 7.23 -2.27 -7.96
N ASN A 155 6.11 -1.62 -7.60
CA ASN A 155 4.83 -1.84 -8.27
C ASN A 155 4.92 -1.46 -9.74
N LEU A 156 5.56 -0.31 -10.00
CA LEU A 156 5.79 0.20 -11.35
C LEU A 156 6.85 -0.65 -12.09
N LEU A 157 8.07 -0.73 -11.53
CA LEU A 157 9.21 -1.50 -12.08
C LEU A 157 8.84 -2.93 -12.53
N ARG A 158 8.00 -3.59 -11.74
CA ARG A 158 7.52 -4.95 -11.99
C ARG A 158 6.87 -5.11 -13.39
N LEU A 159 6.08 -4.12 -13.81
CA LEU A 159 5.35 -4.10 -15.07
C LEU A 159 6.23 -4.17 -16.30
N PHE A 160 7.44 -3.66 -16.18
CA PHE A 160 8.45 -3.56 -17.24
C PHE A 160 9.62 -4.54 -17.07
N GLN A 161 9.54 -5.43 -16.07
CA GLN A 161 10.56 -6.45 -15.77
C GLN A 161 11.91 -5.86 -15.32
N ILE A 162 11.91 -4.68 -14.67
CA ILE A 162 13.15 -4.05 -14.23
C ILE A 162 13.56 -4.50 -12.79
N PRO A 163 14.67 -5.27 -12.66
CA PRO A 163 15.17 -5.67 -11.34
C PRO A 163 15.58 -4.48 -10.47
N GLN A 164 15.24 -4.57 -9.18
CA GLN A 164 15.45 -3.56 -8.13
C GLN A 164 16.19 -4.16 -6.93
N ILE A 165 17.32 -3.56 -6.55
CA ILE A 165 18.06 -3.98 -5.36
C ILE A 165 18.06 -2.84 -4.36
N SER A 166 17.37 -3.03 -3.23
CA SER A 166 17.36 -1.96 -2.23
C SER A 166 18.52 -2.15 -1.27
N TYR A 167 19.02 -1.06 -0.76
CA TYR A 167 20.13 -1.06 0.19
C TYR A 167 19.64 -0.76 1.63
N ALA A 168 18.37 -0.33 1.83
CA ALA A 168 17.90 0.05 3.17
C ALA A 168 16.47 -0.33 3.56
N SER A 169 15.61 -0.78 2.58
CA SER A 169 14.19 -1.08 2.85
C SER A 169 14.03 -2.44 3.46
N THR A 170 13.49 -2.50 4.70
CA THR A 170 13.40 -3.73 5.49
C THR A 170 12.01 -4.29 5.73
N SER A 171 10.94 -3.63 5.28
CA SER A 171 9.56 -4.15 5.43
C SER A 171 9.44 -5.60 4.94
N ALA A 172 8.75 -6.42 5.71
CA ALA A 172 8.54 -7.83 5.36
C ALA A 172 7.65 -7.97 4.13
N LYS A 173 6.84 -6.92 3.88
CA LYS A 173 5.89 -6.83 2.78
C LYS A 173 6.65 -7.06 1.50
N LEU A 174 7.88 -6.52 1.39
CA LEU A 174 8.71 -6.69 0.20
C LEU A 174 9.16 -8.12 -0.09
N SER A 175 9.01 -9.05 0.89
CA SER A 175 9.43 -10.47 0.72
C SER A 175 8.42 -11.28 -0.09
N ASP A 176 7.24 -10.69 -0.38
CA ASP A 176 6.17 -11.30 -1.17
C ASP A 176 6.46 -11.22 -2.70
N LYS A 177 6.86 -12.38 -3.29
CA LYS A 177 7.22 -12.51 -4.70
C LYS A 177 6.02 -12.56 -5.64
N SER A 178 4.82 -12.78 -5.07
CA SER A 178 3.58 -12.80 -5.87
C SER A 178 3.30 -11.36 -6.33
N ARG A 179 3.88 -10.33 -5.63
CA ARG A 179 3.72 -8.90 -5.98
C ARG A 179 5.02 -8.10 -6.12
N TYR A 180 6.14 -8.57 -5.57
CA TYR A 180 7.43 -7.89 -5.72
C TYR A 180 8.42 -8.88 -6.29
N ASP A 181 8.04 -9.51 -7.42
CA ASP A 181 8.84 -10.55 -8.09
C ASP A 181 10.17 -10.06 -8.68
N TYR A 182 10.34 -8.75 -8.90
CA TYR A 182 11.61 -8.23 -9.44
C TYR A 182 12.47 -7.48 -8.38
N PHE A 183 12.06 -7.62 -7.12
CA PHE A 183 12.74 -6.92 -6.04
C PHE A 183 13.61 -7.82 -5.20
N ALA A 184 14.77 -7.31 -4.80
CA ALA A 184 15.72 -7.93 -3.89
C ALA A 184 16.39 -6.81 -3.10
N ARG A 185 17.12 -7.18 -2.04
CA ARG A 185 17.76 -6.21 -1.16
C ARG A 185 18.99 -6.76 -0.51
N THR A 186 19.95 -5.91 -0.19
CA THR A 186 21.18 -6.30 0.51
C THR A 186 21.02 -6.23 2.03
N VAL A 187 19.79 -5.93 2.50
CA VAL A 187 19.45 -5.90 3.92
C VAL A 187 18.51 -7.06 4.25
N PRO A 188 18.41 -7.46 5.54
CA PRO A 188 17.49 -8.55 5.86
C PRO A 188 16.06 -8.05 6.04
N PRO A 189 15.04 -8.93 5.91
CA PRO A 189 13.66 -8.48 6.18
C PRO A 189 13.47 -8.27 7.70
N ASP A 190 12.43 -7.51 8.07
CA ASP A 190 12.20 -7.16 9.47
C ASP A 190 11.59 -8.25 10.35
N PHE A 191 11.43 -9.47 9.84
CA PHE A 191 11.03 -10.60 10.66
C PHE A 191 12.23 -10.91 11.60
N PHE A 192 13.45 -10.68 11.10
CA PHE A 192 14.62 -10.98 11.92
C PHE A 192 14.82 -9.99 13.02
N GLN A 193 14.75 -8.68 12.72
CA GLN A 193 14.90 -7.60 13.71
C GLN A 193 13.77 -7.65 14.76
N ALA A 194 12.53 -7.99 14.33
CA ALA A 194 11.38 -8.10 15.25
C ALA A 194 11.60 -9.27 16.20
N LYS A 195 12.15 -10.41 15.69
CA LYS A 195 12.48 -11.56 16.53
C LYS A 195 13.59 -11.15 17.52
N ALA A 196 14.67 -10.51 17.03
CA ALA A 196 15.79 -10.04 17.87
C ALA A 196 15.29 -9.22 19.08
N MET A 197 14.28 -8.34 18.87
CA MET A 197 13.65 -7.50 19.89
C MET A 197 12.99 -8.32 20.99
N ALA A 198 12.12 -9.27 20.59
CA ALA A 198 11.44 -10.22 21.47
C ALA A 198 12.44 -11.07 22.28
N GLU A 199 13.59 -11.42 21.68
CA GLU A 199 14.61 -12.17 22.37
C GLU A 199 15.32 -11.28 23.42
N ILE A 200 15.53 -9.97 23.11
CA ILE A 200 16.09 -9.01 24.10
C ILE A 200 15.12 -8.93 25.32
N LEU A 201 13.80 -8.80 25.09
CA LEU A 201 12.84 -8.71 26.19
C LEU A 201 12.99 -9.87 27.11
N ARG A 202 12.80 -11.09 26.56
CA ARG A 202 12.90 -12.40 27.20
C ARG A 202 14.15 -12.54 28.05
N PHE A 203 15.33 -12.21 27.46
CA PHE A 203 16.60 -12.25 28.16
C PHE A 203 16.56 -11.49 29.47
N PHE A 204 15.87 -10.34 29.49
CA PHE A 204 15.79 -9.47 30.67
C PHE A 204 14.52 -9.68 31.46
N ASN A 205 13.71 -10.64 31.01
CA ASN A 205 12.46 -11.05 31.64
C ASN A 205 11.40 -9.94 31.63
N TRP A 206 11.33 -9.13 30.51
CA TRP A 206 10.34 -8.04 30.32
C TRP A 206 9.06 -8.61 29.65
N THR A 207 8.14 -9.13 30.50
CA THR A 207 6.94 -9.85 30.06
C THR A 207 5.65 -9.00 29.98
N TYR A 208 5.72 -7.71 30.38
CA TYR A 208 4.57 -6.79 30.29
C TYR A 208 5.05 -5.50 29.64
N VAL A 209 4.84 -5.38 28.32
CA VAL A 209 5.34 -4.23 27.57
C VAL A 209 4.29 -3.50 26.74
N SER A 210 4.71 -2.35 26.15
CA SER A 210 3.92 -1.55 25.24
C SER A 210 4.71 -1.32 23.93
N THR A 211 3.98 -1.13 22.82
CA THR A 211 4.56 -0.91 21.50
C THR A 211 4.10 0.43 20.92
N VAL A 212 4.93 0.99 20.03
CA VAL A 212 4.68 2.22 19.27
C VAL A 212 5.22 1.95 17.86
N ALA A 213 4.39 2.18 16.87
CA ALA A 213 4.74 2.01 15.45
C ALA A 213 4.39 3.28 14.71
N SER A 214 5.22 3.63 13.70
CA SER A 214 5.01 4.77 12.80
C SER A 214 4.05 4.23 11.73
N GLU A 215 3.05 5.02 11.32
CA GLU A 215 2.12 4.66 10.26
C GLU A 215 3.01 4.38 9.03
N GLY A 216 2.73 3.28 8.33
CA GLY A 216 3.49 2.90 7.14
C GLY A 216 3.81 1.42 7.06
N ASP A 217 4.53 1.04 6.01
CA ASP A 217 4.93 -0.33 5.75
C ASP A 217 6.08 -0.81 6.60
N TYR A 218 6.85 0.11 7.16
CA TYR A 218 7.96 -0.25 8.02
C TYR A 218 7.47 -0.45 9.48
N GLY A 219 6.82 0.56 10.02
CA GLY A 219 6.38 0.56 11.41
C GLY A 219 5.38 -0.51 11.75
N GLU A 220 4.24 -0.46 11.03
CA GLU A 220 3.09 -1.34 11.22
C GLU A 220 3.42 -2.85 11.01
N THR A 221 4.14 -3.21 9.93
CA THR A 221 4.47 -4.62 9.72
C THR A 221 5.56 -5.13 10.75
N GLY A 222 6.51 -4.24 11.10
CA GLY A 222 7.56 -4.50 12.08
C GLY A 222 6.98 -4.84 13.44
N ILE A 223 5.98 -4.07 13.90
CA ILE A 223 5.34 -4.32 15.21
C ILE A 223 4.47 -5.56 15.16
N GLU A 224 3.85 -5.85 14.02
CA GLU A 224 2.98 -7.04 13.84
C GLU A 224 3.80 -8.28 14.10
N ALA A 225 4.94 -8.38 13.44
CA ALA A 225 5.92 -9.43 13.60
C ALA A 225 6.40 -9.47 15.02
N PHE A 226 6.78 -8.30 15.58
CA PHE A 226 7.25 -8.18 16.96
C PHE A 226 6.27 -8.83 17.93
N GLU A 227 5.02 -8.35 17.91
CA GLU A 227 3.94 -8.77 18.80
C GLU A 227 3.73 -10.27 18.79
N LEU A 228 3.86 -10.92 17.62
CA LEU A 228 3.75 -12.39 17.49
C LEU A 228 4.92 -13.08 18.16
N GLU A 229 6.15 -12.68 17.82
CA GLU A 229 7.36 -13.23 18.46
C GLU A 229 7.31 -13.06 19.98
N ALA A 230 6.80 -11.92 20.43
CA ALA A 230 6.60 -11.59 21.84
C ALA A 230 5.61 -12.58 22.53
N ARG A 231 4.40 -12.75 21.96
CA ARG A 231 3.31 -13.61 22.42
C ARG A 231 3.83 -15.04 22.69
N ALA A 232 4.53 -15.61 21.69
CA ALA A 232 5.18 -16.93 21.70
C ALA A 232 6.16 -17.11 22.86
N ARG A 233 6.79 -15.99 23.31
CA ARG A 233 7.76 -15.98 24.40
C ARG A 233 7.10 -15.66 25.75
N ASN A 234 5.75 -15.63 25.79
CA ASN A 234 4.92 -15.34 26.97
C ASN A 234 5.13 -13.89 27.49
N ILE A 235 5.20 -12.94 26.54
CA ILE A 235 5.33 -11.50 26.77
C ILE A 235 4.00 -10.92 26.31
N SER A 236 3.31 -10.17 27.18
CA SER A 236 2.03 -9.55 26.82
C SER A 236 2.19 -8.07 26.48
N VAL A 237 1.27 -7.55 25.64
CA VAL A 237 1.28 -6.17 25.14
C VAL A 237 0.12 -5.38 25.73
N ALA A 238 0.50 -4.42 26.60
CA ALA A 238 -0.35 -3.55 27.41
C ALA A 238 -1.27 -2.68 26.60
N THR A 239 -0.71 -2.04 25.55
CA THR A 239 -1.28 -1.10 24.58
C THR A 239 -0.29 -1.04 23.42
N SER A 240 -0.81 -0.68 22.24
CA SER A 240 -0.05 -0.58 21.00
C SER A 240 -0.45 0.75 20.44
N GLU A 241 0.55 1.56 20.11
CA GLU A 241 0.23 2.88 19.59
C GLU A 241 0.75 3.09 18.17
N LYS A 242 0.09 4.05 17.50
CA LYS A 242 0.35 4.42 16.13
C LYS A 242 0.74 5.89 16.07
N VAL A 243 1.83 6.17 15.36
CA VAL A 243 2.30 7.52 15.16
C VAL A 243 1.97 7.89 13.75
N GLY A 244 1.03 8.83 13.61
CA GLY A 244 0.51 9.29 12.32
C GLY A 244 1.51 9.93 11.39
N ARG A 245 1.01 10.36 10.20
CA ARG A 245 1.80 10.96 9.13
C ARG A 245 2.09 12.45 9.33
N ALA A 246 1.19 13.19 10.03
CA ALA A 246 1.36 14.62 10.34
C ALA A 246 0.94 14.88 11.78
N MET A 247 1.84 14.55 12.71
CA MET A 247 1.57 14.67 14.14
C MET A 247 2.06 15.97 14.75
N SER A 248 1.28 16.53 15.68
CA SER A 248 1.63 17.75 16.39
C SER A 248 2.36 17.36 17.68
N ARG A 249 2.94 18.33 18.41
CA ARG A 249 3.61 18.06 19.69
C ARG A 249 2.59 17.53 20.70
N ALA A 250 1.33 18.07 20.67
CA ALA A 250 0.20 17.65 21.50
C ALA A 250 -0.21 16.19 21.17
N ALA A 251 -0.10 15.84 19.88
CA ALA A 251 -0.44 14.50 19.45
C ALA A 251 0.57 13.54 20.06
N PHE A 252 1.86 13.91 20.01
CA PHE A 252 2.95 13.10 20.57
C PHE A 252 2.82 12.88 22.08
N GLU A 253 2.34 13.88 22.79
CA GLU A 253 2.09 13.85 24.22
C GLU A 253 0.93 12.90 24.46
N GLY A 254 -0.10 12.98 23.59
CA GLY A 254 -1.28 12.13 23.62
C GLY A 254 -0.86 10.68 23.66
N VAL A 255 0.07 10.31 22.73
CA VAL A 255 0.67 8.99 22.67
C VAL A 255 1.32 8.67 23.99
N VAL A 256 2.20 9.56 24.54
CA VAL A 256 2.90 9.28 25.80
C VAL A 256 1.93 9.04 26.96
N ARG A 257 0.83 9.81 26.98
CA ARG A 257 -0.21 9.70 28.00
C ARG A 257 -0.90 8.35 27.93
N ALA A 258 -1.10 7.83 26.70
CA ALA A 258 -1.69 6.49 26.45
C ALA A 258 -0.79 5.38 27.01
N LEU A 259 0.55 5.55 26.90
CA LEU A 259 1.56 4.64 27.44
C LEU A 259 1.58 4.73 28.95
N LEU A 260 1.37 5.94 29.50
CA LEU A 260 1.30 6.20 30.94
C LEU A 260 0.02 5.61 31.63
N GLN A 261 -1.00 5.25 30.83
CA GLN A 261 -2.23 4.66 31.34
C GLN A 261 -2.02 3.22 31.87
N LYS A 262 -0.95 2.54 31.40
CA LYS A 262 -0.55 1.17 31.81
C LYS A 262 0.79 1.35 32.57
N PRO A 263 0.72 1.66 33.90
CA PRO A 263 1.97 2.00 34.64
C PRO A 263 2.99 0.89 34.86
N SER A 264 2.55 -0.39 34.82
CA SER A 264 3.43 -1.55 35.01
C SER A 264 4.39 -1.72 33.82
N ALA A 265 3.88 -1.51 32.57
CA ALA A 265 4.67 -1.59 31.34
C ALA A 265 5.61 -0.37 31.30
N ARG A 266 6.87 -0.60 31.71
CA ARG A 266 7.89 0.45 31.73
C ARG A 266 8.77 0.34 30.49
N VAL A 267 8.54 -0.70 29.70
CA VAL A 267 9.23 -0.98 28.46
C VAL A 267 8.34 -0.55 27.32
N ALA A 268 8.91 0.27 26.42
CA ALA A 268 8.25 0.79 25.22
C ALA A 268 9.09 0.37 24.04
N VAL A 269 8.52 -0.57 23.25
CA VAL A 269 9.11 -1.19 22.06
C VAL A 269 8.65 -0.37 20.87
N LEU A 270 9.59 0.15 20.12
CA LEU A 270 9.29 0.98 18.98
C LEU A 270 9.86 0.53 17.67
N PHE A 271 9.06 0.65 16.63
CA PHE A 271 9.40 0.40 15.25
C PHE A 271 9.04 1.71 14.56
N THR A 272 9.85 2.73 14.80
CA THR A 272 9.57 4.08 14.32
C THR A 272 10.62 4.69 13.40
N ARG A 273 10.18 5.63 12.56
CA ARG A 273 11.05 6.47 11.74
C ARG A 273 11.91 7.31 12.73
N SER A 274 13.08 7.78 12.29
CA SER A 274 13.99 8.59 13.12
C SER A 274 13.31 9.78 13.80
N GLU A 275 12.59 10.59 13.00
CA GLU A 275 11.91 11.81 13.46
C GLU A 275 10.75 11.51 14.37
N ASP A 276 10.20 10.28 14.31
CA ASP A 276 9.11 9.90 15.20
C ASP A 276 9.67 9.54 16.55
N ALA A 277 10.77 8.77 16.56
CA ALA A 277 11.48 8.37 17.78
C ALA A 277 11.93 9.64 18.50
N ARG A 278 12.57 10.58 17.72
CA ARG A 278 12.99 11.92 18.18
C ARG A 278 11.85 12.64 18.87
N GLU A 279 10.69 12.71 18.21
CA GLU A 279 9.51 13.41 18.69
C GLU A 279 8.84 12.77 19.91
N LEU A 280 8.95 11.45 20.04
CA LEU A 280 8.41 10.69 21.18
C LEU A 280 9.22 10.93 22.45
N LEU A 281 10.51 11.13 22.31
CA LEU A 281 11.37 11.36 23.42
C LEU A 281 11.15 12.74 23.99
N ALA A 282 11.07 13.71 23.10
CA ALA A 282 10.74 15.10 23.40
C ALA A 282 9.48 15.17 24.25
N ALA A 283 8.39 14.52 23.82
CA ALA A 283 7.13 14.50 24.59
C ALA A 283 7.36 13.81 25.95
N SER A 284 8.20 12.77 25.97
CA SER A 284 8.50 12.00 27.18
C SER A 284 9.25 12.83 28.16
N GLN A 285 10.11 13.70 27.65
CA GLN A 285 10.90 14.65 28.41
C GLN A 285 9.93 15.68 28.94
N ARG A 286 9.07 16.21 28.05
CA ARG A 286 8.10 17.24 28.37
C ARG A 286 7.16 16.85 29.49
N LEU A 287 6.79 15.58 29.58
CA LEU A 287 5.84 15.11 30.58
C LEU A 287 6.53 14.50 31.83
N ASN A 288 7.87 14.52 31.86
CA ASN A 288 8.71 13.88 32.90
C ASN A 288 8.40 12.34 32.97
N ALA A 289 8.07 11.74 31.80
CA ALA A 289 7.75 10.33 31.66
C ALA A 289 9.02 9.51 31.43
N SER A 290 9.15 8.39 32.14
CA SER A 290 10.32 7.51 32.01
C SER A 290 9.97 6.15 31.45
N PHE A 291 10.79 5.69 30.50
CA PHE A 291 10.61 4.40 29.86
C PHE A 291 11.92 3.80 29.52
N THR A 292 11.94 2.49 29.46
CA THR A 292 13.03 1.67 28.96
C THR A 292 12.62 1.45 27.52
N TRP A 293 13.32 2.11 26.61
CA TRP A 293 13.00 1.99 25.19
C TRP A 293 13.83 0.88 24.57
N VAL A 294 13.17 0.08 23.71
CA VAL A 294 13.77 -0.97 22.89
C VAL A 294 13.31 -0.60 21.49
N ALA A 295 14.25 -0.15 20.68
CA ALA A 295 13.92 0.38 19.36
C ALA A 295 14.72 -0.18 18.22
N SER A 296 14.12 -0.06 17.04
CA SER A 296 14.59 -0.53 15.73
C SER A 296 15.62 0.40 15.07
N ASP A 297 16.04 0.05 13.84
CA ASP A 297 17.06 0.77 13.11
C ASP A 297 16.71 2.24 12.78
N GLY A 298 15.43 2.58 12.87
CA GLY A 298 14.96 3.95 12.62
C GLY A 298 15.54 4.92 13.64
N TRP A 299 15.70 4.47 14.89
CA TRP A 299 16.35 5.21 15.97
C TRP A 299 17.86 4.86 15.87
N GLY A 300 18.17 3.56 15.75
CA GLY A 300 19.51 2.99 15.64
C GLY A 300 20.48 3.53 16.66
N ALA A 301 21.66 3.98 16.20
CA ALA A 301 22.68 4.63 17.04
C ALA A 301 22.80 6.05 16.57
N LEU A 302 21.66 6.67 16.19
CA LEU A 302 21.66 8.04 15.68
C LEU A 302 21.64 9.02 16.80
N GLU A 303 22.46 10.06 16.71
CA GLU A 303 22.45 11.14 17.71
C GLU A 303 21.31 12.12 17.42
N SER A 304 20.88 12.22 16.13
CA SER A 304 19.75 13.02 15.64
C SER A 304 18.55 12.84 16.57
N VAL A 305 18.27 11.56 16.89
CA VAL A 305 17.13 11.10 17.65
C VAL A 305 17.16 11.55 19.12
N VAL A 306 18.31 11.48 19.76
CA VAL A 306 18.46 11.74 21.18
C VAL A 306 18.87 13.16 21.54
N ALA A 307 19.39 13.92 20.55
CA ALA A 307 19.84 15.31 20.79
C ALA A 307 18.68 16.11 21.38
N GLY A 308 18.92 16.68 22.53
CA GLY A 308 17.93 17.47 23.26
C GLY A 308 17.20 16.68 24.34
N SER A 309 17.07 15.34 24.15
CA SER A 309 16.34 14.49 25.06
C SER A 309 17.19 13.34 25.60
N GLU A 310 18.49 13.63 25.89
CA GLU A 310 19.49 12.69 26.42
C GLU A 310 19.02 12.00 27.66
N GLY A 311 18.44 12.76 28.58
CA GLY A 311 17.92 12.22 29.83
C GLY A 311 16.77 11.26 29.63
N ALA A 312 15.80 11.62 28.78
CA ALA A 312 14.62 10.79 28.47
C ALA A 312 14.99 9.45 27.79
N ALA A 313 16.09 9.46 27.02
CA ALA A 313 16.61 8.35 26.24
C ALA A 313 17.53 7.41 26.99
N GLU A 314 18.27 7.93 28.00
CA GLU A 314 19.23 7.18 28.79
C GLU A 314 18.72 5.80 29.23
N GLY A 315 19.54 4.77 28.97
CA GLY A 315 19.26 3.37 29.30
C GLY A 315 18.54 2.59 28.21
N ALA A 316 18.32 3.22 27.04
CA ALA A 316 17.61 2.54 25.95
C ALA A 316 18.42 1.40 25.34
N ILE A 317 17.72 0.44 24.74
CA ILE A 317 18.33 -0.64 23.97
C ILE A 317 17.92 -0.39 22.53
N THR A 318 18.90 -0.25 21.60
CA THR A 318 18.55 0.05 20.20
C THR A 318 19.27 -0.85 19.23
N ILE A 319 18.58 -1.16 18.13
CA ILE A 319 19.12 -2.00 17.05
C ILE A 319 19.59 -1.14 15.86
N GLU A 320 20.61 -1.64 15.21
CA GLU A 320 21.19 -1.12 13.99
C GLU A 320 21.65 -2.34 13.23
N LEU A 321 21.37 -2.41 11.93
CA LEU A 321 21.80 -3.56 11.11
C LEU A 321 23.35 -3.63 11.15
N ALA A 322 23.92 -4.85 11.20
CA ALA A 322 25.37 -5.02 11.32
C ALA A 322 26.15 -4.59 10.08
N SER A 323 26.91 -3.51 10.21
CA SER A 323 27.70 -2.94 9.15
C SER A 323 29.05 -2.49 9.67
N TYR A 324 29.98 -2.37 8.76
CA TYR A 324 31.35 -1.94 9.01
C TYR A 324 31.63 -0.71 8.17
N PRO A 325 32.58 0.14 8.53
CA PRO A 325 32.87 1.30 7.68
C PRO A 325 33.72 0.85 6.48
N ILE A 326 33.35 1.31 5.27
CA ILE A 326 34.09 0.98 4.06
C ILE A 326 35.31 1.90 3.93
N SER A 327 36.47 1.25 3.78
CA SER A 327 37.83 1.80 3.70
C SER A 327 38.02 3.07 2.84
N ASP A 328 38.07 2.90 1.51
CA ASP A 328 38.38 3.91 0.51
C ASP A 328 37.29 4.98 0.27
N PHE A 329 36.04 4.76 0.79
CA PHE A 329 34.94 5.71 0.62
C PHE A 329 35.14 7.03 1.40
N ALA A 330 35.60 6.95 2.68
CA ALA A 330 35.84 8.14 3.51
C ALA A 330 36.80 9.09 2.78
N SER A 331 37.92 8.53 2.31
CA SER A 331 38.95 9.25 1.56
C SER A 331 38.36 9.83 0.26
N TYR A 332 37.54 9.01 -0.45
CA TYR A 332 36.85 9.43 -1.68
C TYR A 332 35.95 10.64 -1.38
N PHE A 333 35.08 10.51 -0.34
CA PHE A 333 34.10 11.51 0.06
C PHE A 333 34.76 12.82 0.47
N GLN A 334 35.73 12.78 1.42
CA GLN A 334 36.43 13.95 1.96
C GLN A 334 37.24 14.72 0.89
N SER A 335 37.65 14.06 -0.19
CA SER A 335 38.38 14.70 -1.29
C SER A 335 37.43 15.33 -2.33
N LEU A 336 36.12 15.50 -1.98
CA LEU A 336 35.10 16.09 -2.86
C LEU A 336 34.95 17.60 -2.65
N ASP A 337 34.91 18.37 -3.76
CA ASP A 337 34.74 19.82 -3.70
C ASP A 337 33.74 20.32 -4.78
N PRO A 338 33.23 21.57 -4.63
CA PRO A 338 32.25 22.08 -5.60
C PRO A 338 32.66 22.20 -7.07
N TRP A 339 33.96 22.11 -7.37
CA TRP A 339 34.43 22.30 -8.75
C TRP A 339 34.77 21.02 -9.46
N ASN A 340 35.24 20.03 -8.70
CA ASN A 340 35.60 18.75 -9.27
C ASN A 340 34.41 17.80 -9.29
N ASN A 341 33.37 18.08 -8.46
CA ASN A 341 32.18 17.23 -8.37
C ASN A 341 30.94 17.81 -9.09
N SER A 342 31.13 18.21 -10.36
CA SER A 342 30.02 18.74 -11.17
C SER A 342 28.96 17.66 -11.52
N ARG A 343 29.37 16.36 -11.53
CA ARG A 343 28.49 15.23 -11.83
C ARG A 343 27.31 15.10 -10.83
N ASN A 344 27.52 15.46 -9.55
CA ASN A 344 26.46 15.45 -8.55
C ASN A 344 25.71 16.79 -8.63
N PRO A 345 24.42 16.82 -9.10
CA PRO A 345 23.71 18.10 -9.23
C PRO A 345 23.19 18.71 -7.92
N TRP A 346 23.34 18.01 -6.82
CA TRP A 346 22.88 18.47 -5.53
C TRP A 346 24.07 18.77 -4.59
N PHE A 347 25.31 18.61 -5.09
CA PHE A 347 26.50 18.80 -4.27
C PHE A 347 26.74 20.29 -3.85
N ARG A 348 26.45 21.26 -4.77
CA ARG A 348 26.60 22.70 -4.48
C ARG A 348 25.65 23.08 -3.35
N GLU A 349 24.39 22.65 -3.45
CA GLU A 349 23.35 22.86 -2.45
C GLU A 349 23.74 22.32 -1.05
N PHE A 350 24.34 21.14 -1.04
CA PHE A 350 24.79 20.50 0.18
C PHE A 350 25.94 21.31 0.77
N TRP A 351 26.92 21.76 -0.07
CA TRP A 351 28.08 22.57 0.35
C TRP A 351 27.61 23.83 1.09
N GLU A 352 26.70 24.59 0.44
CA GLU A 352 26.05 25.82 0.95
C GLU A 352 25.35 25.56 2.29
N GLN A 353 24.68 24.39 2.44
CA GLN A 353 24.00 24.00 3.66
C GLN A 353 24.97 23.59 4.78
N ARG A 354 25.95 22.71 4.47
CA ARG A 354 26.92 22.17 5.42
C ARG A 354 27.85 23.23 6.00
N PHE A 355 28.33 24.14 5.14
CA PHE A 355 29.29 25.14 5.55
C PHE A 355 28.71 26.56 5.72
N ARG A 356 27.38 26.66 5.74
CA ARG A 356 26.62 27.91 5.95
C ARG A 356 27.22 29.06 5.13
N CYS A 357 27.38 28.86 3.82
CA CYS A 357 27.95 29.82 2.89
C CYS A 357 27.14 29.99 1.58
N SER A 358 27.67 30.79 0.64
CA SER A 358 27.03 31.05 -0.64
C SER A 358 28.04 31.26 -1.74
N PHE A 359 27.82 30.58 -2.88
CA PHE A 359 28.64 30.73 -4.08
C PHE A 359 28.43 32.12 -4.68
N ARG A 360 27.18 32.69 -4.53
CA ARG A 360 26.77 34.04 -4.98
C ARG A 360 27.66 35.13 -4.39
N GLN A 361 28.31 34.84 -3.25
CA GLN A 361 29.21 35.76 -2.57
C GLN A 361 30.60 35.18 -2.30
N ARG A 362 31.11 34.31 -3.23
CA ARG A 362 32.43 33.63 -3.20
C ARG A 362 32.93 33.27 -1.79
N ASP A 363 31.99 32.85 -0.93
CA ASP A 363 32.12 32.49 0.47
C ASP A 363 32.68 31.05 0.70
N CYS A 364 32.21 30.09 -0.11
CA CYS A 364 32.38 28.63 0.04
C CYS A 364 33.79 28.05 -0.22
N ALA A 365 34.47 28.42 -1.33
CA ALA A 365 35.82 27.93 -1.66
C ALA A 365 36.72 27.67 -0.44
N ALA A 366 36.69 28.60 0.52
CA ALA A 366 37.41 28.63 1.78
C ALA A 366 37.35 27.34 2.63
N HIS A 367 36.58 26.35 2.16
CA HIS A 367 36.34 25.15 2.95
C HIS A 367 36.81 23.86 2.36
N SER A 368 36.64 22.81 3.14
CA SER A 368 37.01 21.46 2.78
C SER A 368 36.36 20.47 3.76
N LEU A 369 35.91 19.32 3.23
CA LEU A 369 35.30 18.25 4.00
C LEU A 369 36.33 17.45 4.80
N ARG A 370 37.64 17.65 4.52
CA ARG A 370 38.73 16.95 5.20
C ARG A 370 39.08 17.59 6.54
N ALA A 371 38.85 18.91 6.65
CA ALA A 371 39.10 19.70 7.86
C ALA A 371 38.13 19.27 8.95
N VAL A 372 36.91 18.90 8.55
CA VAL A 372 35.82 18.49 9.42
C VAL A 372 35.81 16.95 9.59
N PRO A 373 35.21 16.42 10.69
CA PRO A 373 35.21 14.97 10.90
C PRO A 373 34.27 14.19 9.98
N PHE A 374 34.65 12.95 9.61
CA PHE A 374 33.83 12.12 8.76
C PHE A 374 33.20 10.98 9.54
N GLU A 375 31.86 10.94 9.52
CA GLU A 375 31.12 9.88 10.17
C GLU A 375 30.38 9.11 9.09
N GLN A 376 30.84 7.87 8.79
CA GLN A 376 30.20 7.05 7.76
C GLN A 376 28.77 6.63 8.13
N GLU A 377 27.82 7.00 7.27
CA GLU A 377 26.41 6.69 7.43
C GLU A 377 26.34 5.18 7.56
N SER A 378 25.58 4.72 8.56
CA SER A 378 25.40 3.31 8.91
C SER A 378 25.22 2.35 7.77
N LYS A 379 24.48 2.73 6.71
CA LYS A 379 24.18 1.78 5.64
C LYS A 379 25.00 1.95 4.35
N ILE A 380 26.17 2.63 4.38
CA ILE A 380 27.01 2.80 3.18
C ILE A 380 27.37 1.43 2.59
N MET A 381 27.78 0.49 3.46
CA MET A 381 28.13 -0.87 3.07
C MET A 381 27.04 -1.45 2.18
N PHE A 382 25.79 -1.43 2.68
CA PHE A 382 24.66 -1.98 1.93
C PHE A 382 24.42 -1.33 0.54
N VAL A 383 24.75 -0.03 0.36
CA VAL A 383 24.62 0.71 -0.91
C VAL A 383 25.67 0.18 -1.91
N VAL A 384 26.94 0.05 -1.45
CA VAL A 384 28.10 -0.45 -2.19
C VAL A 384 27.81 -1.92 -2.59
N ASN A 385 27.29 -2.72 -1.63
CA ASN A 385 26.92 -4.12 -1.83
C ASN A 385 25.80 -4.31 -2.84
N ALA A 386 24.81 -3.40 -2.90
CA ALA A 386 23.72 -3.54 -3.87
C ALA A 386 24.24 -3.31 -5.29
N VAL A 387 25.08 -2.26 -5.47
CA VAL A 387 25.70 -1.90 -6.75
C VAL A 387 26.52 -3.06 -7.26
N TYR A 388 27.37 -3.64 -6.37
CA TYR A 388 28.20 -4.79 -6.75
C TYR A 388 27.36 -6.00 -7.08
N ALA A 389 26.31 -6.30 -6.28
CA ALA A 389 25.39 -7.42 -6.50
C ALA A 389 24.78 -7.39 -7.89
N MET A 390 24.38 -6.21 -8.34
CA MET A 390 23.85 -5.97 -9.66
C MET A 390 24.98 -6.10 -10.72
N ALA A 391 26.22 -5.60 -10.42
CA ALA A 391 27.38 -5.68 -11.35
C ALA A 391 27.82 -7.13 -11.55
N HIS A 392 27.92 -7.91 -10.44
CA HIS A 392 28.26 -9.34 -10.44
C HIS A 392 27.22 -10.13 -11.16
N ALA A 393 25.92 -9.75 -10.99
CA ALA A 393 24.82 -10.42 -11.67
C ALA A 393 24.97 -10.19 -13.18
N LEU A 394 25.35 -8.97 -13.57
CA LEU A 394 25.55 -8.62 -14.98
C LEU A 394 26.80 -9.26 -15.53
N HIS A 395 27.80 -9.45 -14.67
CA HIS A 395 29.04 -10.08 -15.06
C HIS A 395 28.81 -11.55 -15.37
N ASN A 396 28.19 -12.28 -14.43
CA ASN A 396 27.88 -13.69 -14.55
C ASN A 396 26.94 -13.96 -15.72
N MET A 397 25.97 -13.04 -16.01
CA MET A 397 25.02 -13.17 -17.15
C MET A 397 25.82 -13.01 -18.44
N HIS A 398 26.77 -12.04 -18.44
CA HIS A 398 27.66 -11.81 -19.59
C HIS A 398 28.49 -13.07 -19.90
N ARG A 399 29.09 -13.71 -18.88
CA ARG A 399 29.86 -14.92 -19.05
C ARG A 399 29.06 -16.02 -19.74
N ALA A 400 27.81 -16.21 -19.32
CA ALA A 400 26.93 -17.23 -19.88
C ALA A 400 26.44 -16.95 -21.31
N LEU A 401 25.87 -15.78 -21.53
CA LEU A 401 25.24 -15.37 -22.78
C LEU A 401 26.19 -14.84 -23.84
N CYS A 402 27.31 -14.25 -23.41
CA CYS A 402 28.31 -13.66 -24.30
C CYS A 402 29.64 -14.42 -24.14
N PRO A 403 29.71 -15.72 -24.55
CA PRO A 403 30.94 -16.49 -24.36
C PRO A 403 32.22 -15.89 -24.93
N ASN A 404 32.24 -15.58 -26.24
CA ASN A 404 33.43 -15.12 -26.94
C ASN A 404 34.01 -13.78 -26.49
N THR A 405 33.23 -12.67 -26.61
CA THR A 405 33.66 -11.30 -26.32
C THR A 405 33.61 -10.84 -24.82
N THR A 406 34.09 -9.60 -24.57
CA THR A 406 34.08 -8.86 -23.30
C THR A 406 33.12 -7.67 -23.43
N ARG A 407 32.62 -7.41 -24.64
CA ARG A 407 31.68 -6.33 -24.89
C ARG A 407 30.26 -6.89 -24.85
N LEU A 408 29.22 -6.04 -24.86
CA LEU A 408 27.84 -6.54 -24.84
C LEU A 408 27.51 -7.18 -26.14
N CYS A 409 27.28 -8.50 -26.12
CA CYS A 409 26.87 -9.25 -27.31
C CYS A 409 25.35 -9.07 -27.57
N ASP A 410 24.83 -9.58 -28.72
CA ASP A 410 23.42 -9.44 -29.12
C ASP A 410 22.43 -9.95 -28.08
N ALA A 411 22.78 -11.07 -27.43
CA ALA A 411 22.01 -11.69 -26.35
C ALA A 411 21.72 -10.74 -25.15
N MET A 412 22.53 -9.67 -24.98
CA MET A 412 22.28 -8.75 -23.87
C MET A 412 21.92 -7.32 -24.34
N ARG A 413 21.41 -7.21 -25.58
CA ARG A 413 20.95 -5.94 -26.17
C ARG A 413 19.49 -6.18 -26.60
N PRO A 414 18.49 -5.99 -25.71
CA PRO A 414 18.57 -5.51 -24.32
C PRO A 414 18.79 -6.65 -23.34
N VAL A 415 19.05 -6.31 -22.13
CA VAL A 415 19.23 -7.35 -21.09
C VAL A 415 17.81 -7.83 -20.69
N ASN A 416 17.53 -9.14 -20.75
CA ASN A 416 16.21 -9.65 -20.35
C ASN A 416 16.18 -9.62 -18.82
N GLY A 417 15.39 -8.71 -18.27
CA GLY A 417 15.21 -8.51 -16.84
C GLY A 417 14.75 -9.72 -16.05
N ARG A 418 13.85 -10.55 -16.64
CA ARG A 418 13.32 -11.76 -16.01
C ARG A 418 14.46 -12.76 -15.81
N ARG A 419 15.23 -12.98 -16.87
CA ARG A 419 16.43 -13.79 -16.86
C ARG A 419 17.44 -13.26 -15.84
N LEU A 420 17.86 -11.99 -15.99
CA LEU A 420 18.80 -11.31 -15.10
C LEU A 420 18.48 -11.50 -13.59
N TYR A 421 17.23 -11.31 -13.18
CA TYR A 421 16.81 -11.42 -11.79
C TYR A 421 16.76 -12.85 -11.29
N LYS A 422 15.99 -13.71 -11.97
CA LYS A 422 15.75 -15.11 -11.62
C LYS A 422 17.00 -15.98 -11.70
N ASP A 423 17.83 -15.81 -12.73
CA ASP A 423 19.01 -16.64 -12.93
C ASP A 423 20.32 -16.03 -12.43
N PHE A 424 20.43 -14.72 -12.35
CA PHE A 424 21.73 -14.18 -11.95
C PHE A 424 21.68 -13.41 -10.66
N VAL A 425 20.80 -12.39 -10.53
CA VAL A 425 20.69 -11.61 -9.28
C VAL A 425 20.50 -12.53 -8.06
N LEU A 426 19.58 -13.49 -8.15
CA LEU A 426 19.31 -14.38 -7.05
C LEU A 426 20.45 -15.37 -6.74
N ASN A 427 21.37 -15.58 -7.72
CA ASN A 427 22.45 -16.57 -7.57
C ASN A 427 23.84 -15.99 -7.38
N VAL A 428 23.93 -14.67 -7.11
CA VAL A 428 25.19 -14.00 -6.86
C VAL A 428 25.74 -14.50 -5.50
N LYS A 429 27.06 -14.69 -5.44
CA LYS A 429 27.83 -15.08 -4.27
C LYS A 429 29.25 -14.61 -4.55
N PHE A 430 29.72 -13.62 -3.76
CA PHE A 430 31.04 -12.99 -3.95
C PHE A 430 31.49 -12.29 -2.68
N ASP A 431 32.82 -12.21 -2.46
CA ASP A 431 33.40 -11.51 -1.30
C ASP A 431 32.93 -10.06 -1.29
N ALA A 432 32.42 -9.58 -0.12
CA ALA A 432 31.92 -8.19 0.01
C ALA A 432 33.01 -7.18 -0.35
N PRO A 433 32.72 -6.16 -1.17
CA PRO A 433 33.78 -5.21 -1.53
C PRO A 433 34.15 -4.29 -0.37
N PHE A 434 35.47 -4.01 -0.26
CA PHE A 434 36.13 -3.14 0.74
C PHE A 434 35.85 -3.60 2.18
N ARG A 435 35.72 -4.92 2.35
CA ARG A 435 35.46 -5.52 3.65
C ARG A 435 36.73 -5.39 4.50
N PRO A 436 36.64 -5.25 5.85
CA PRO A 436 37.88 -5.16 6.66
C PRO A 436 38.78 -6.35 6.34
N ALA A 437 40.09 -6.07 6.10
CA ALA A 437 41.14 -7.04 5.71
C ALA A 437 41.01 -8.43 6.38
N ASP A 438 40.56 -8.46 7.66
CA ASP A 438 40.37 -9.67 8.45
C ASP A 438 39.15 -10.49 8.02
N THR A 439 37.96 -9.84 7.94
CA THR A 439 36.62 -10.41 7.65
C THR A 439 36.50 -11.27 6.39
N HIS A 440 35.51 -12.19 6.41
CA HIS A 440 35.19 -13.11 5.31
C HIS A 440 33.72 -12.99 4.80
N ASN A 441 33.06 -11.81 5.05
CA ASN A 441 31.67 -11.50 4.66
C ASN A 441 31.41 -11.65 3.15
N GLU A 442 30.25 -12.21 2.80
CA GLU A 442 29.91 -12.36 1.40
C GLU A 442 28.49 -11.87 1.09
N VAL A 443 28.32 -11.30 -0.11
CA VAL A 443 27.06 -10.78 -0.61
C VAL A 443 26.32 -11.90 -1.35
N ARG A 444 25.12 -12.22 -0.88
CA ARG A 444 24.23 -13.24 -1.43
C ARG A 444 22.80 -12.92 -1.05
N PHE A 445 21.84 -13.63 -1.67
CA PHE A 445 20.42 -13.44 -1.32
C PHE A 445 19.74 -14.77 -1.16
N ASP A 446 18.74 -14.87 -0.28
CA ASP A 446 17.92 -16.08 -0.19
C ASP A 446 17.13 -16.16 -1.53
N ARG A 447 16.41 -17.29 -1.80
CA ARG A 447 15.65 -17.52 -3.03
C ARG A 447 14.48 -16.48 -3.32
N PHE A 448 14.29 -15.51 -2.42
CA PHE A 448 13.24 -14.47 -2.50
C PHE A 448 13.80 -13.03 -2.51
N GLY A 449 15.13 -12.91 -2.61
CA GLY A 449 15.82 -11.64 -2.73
C GLY A 449 16.30 -11.02 -1.45
N ASP A 450 15.93 -11.63 -0.30
CA ASP A 450 16.28 -11.13 1.02
C ASP A 450 17.72 -11.39 1.44
N GLY A 451 18.26 -10.43 2.22
CA GLY A 451 19.57 -10.47 2.87
C GLY A 451 19.48 -11.22 4.19
N ILE A 452 20.59 -11.41 4.87
CA ILE A 452 20.54 -12.24 6.06
C ILE A 452 20.64 -11.50 7.39
N GLY A 453 19.76 -11.88 8.29
CA GLY A 453 19.59 -11.25 9.61
C GLY A 453 20.78 -11.21 10.54
N ARG A 454 21.63 -10.12 10.43
CA ARG A 454 22.81 -9.80 11.27
C ARG A 454 22.64 -8.38 11.89
N TYR A 455 22.49 -8.27 13.25
CA TYR A 455 22.24 -6.99 13.91
C TYR A 455 23.20 -6.68 15.06
N ASN A 456 23.50 -5.40 15.24
CA ASN A 456 24.26 -4.85 16.37
C ASN A 456 23.26 -4.25 17.35
N ILE A 457 23.40 -4.56 18.65
CA ILE A 457 22.56 -4.06 19.74
C ILE A 457 23.38 -3.01 20.53
N PHE A 458 22.79 -1.86 20.79
CA PHE A 458 23.44 -0.80 21.53
C PHE A 458 22.68 -0.44 22.79
N THR A 459 23.37 0.21 23.74
CA THR A 459 22.77 0.84 24.91
C THR A 459 23.18 2.29 24.86
N TYR A 460 22.25 3.19 25.20
CA TYR A 460 22.51 4.63 25.24
C TYR A 460 22.83 4.95 26.70
N LEU A 461 24.09 5.32 26.96
CA LEU A 461 24.55 5.59 28.32
C LEU A 461 25.18 6.93 28.50
N ARG A 462 25.29 7.34 29.75
CA ARG A 462 26.01 8.53 30.14
C ARG A 462 27.42 8.07 30.55
N ALA A 463 28.42 8.41 29.72
CA ALA A 463 29.85 8.09 29.90
C ALA A 463 30.47 8.78 31.15
N GLY A 464 31.63 8.26 31.58
CA GLY A 464 32.38 8.79 32.72
C GLY A 464 32.65 10.28 32.62
N SER A 465 33.06 10.70 31.41
CA SER A 465 33.33 12.09 31.02
C SER A 465 32.08 13.05 31.02
N GLY A 466 30.95 12.58 31.57
CA GLY A 466 29.70 13.33 31.65
C GLY A 466 28.81 13.24 30.42
N ARG A 467 29.42 13.26 29.21
CA ARG A 467 28.72 13.19 27.92
C ARG A 467 27.98 11.86 27.67
N TYR A 468 26.88 11.95 26.91
CA TYR A 468 26.02 10.81 26.57
C TYR A 468 26.49 10.16 25.28
N ARG A 469 26.44 8.82 25.21
CA ARG A 469 26.85 8.10 24.00
C ARG A 469 26.22 6.72 23.86
N TYR A 470 26.29 6.16 22.63
CA TYR A 470 25.86 4.79 22.31
C TYR A 470 27.09 3.87 22.46
N GLN A 471 26.86 2.66 22.91
CA GLN A 471 27.88 1.63 23.17
C GLN A 471 27.36 0.28 22.65
N LYS A 472 28.18 -0.42 21.83
CA LYS A 472 27.83 -1.74 21.31
C LYS A 472 27.86 -2.71 22.50
N VAL A 473 26.78 -3.46 22.72
CA VAL A 473 26.68 -4.40 23.88
C VAL A 473 26.27 -5.81 23.42
N GLY A 474 25.88 -5.92 22.17
CA GLY A 474 25.34 -7.16 21.66
C GLY A 474 25.40 -7.26 20.17
N TYR A 475 24.88 -8.39 19.70
CA TYR A 475 24.81 -8.86 18.35
C TYR A 475 23.67 -9.86 18.28
N TRP A 476 23.05 -9.99 17.12
CA TRP A 476 22.02 -10.97 16.82
C TRP A 476 22.26 -11.45 15.41
N ALA A 477 22.60 -12.74 15.32
CA ALA A 477 22.79 -13.53 14.10
C ALA A 477 22.38 -14.95 14.46
N GLU A 478 21.15 -15.33 14.06
CA GLU A 478 20.52 -16.62 14.34
C GLU A 478 20.55 -16.95 15.85
N GLY A 479 20.38 -15.91 16.67
CA GLY A 479 20.41 -16.01 18.11
C GLY A 479 21.06 -14.79 18.75
N LEU A 480 20.69 -14.54 20.00
CA LEU A 480 21.15 -13.40 20.77
C LEU A 480 22.45 -13.62 21.53
N THR A 481 23.35 -12.63 21.52
CA THR A 481 24.60 -12.60 22.29
C THR A 481 24.68 -11.21 22.92
N LEU A 482 24.81 -11.15 24.27
CA LEU A 482 24.88 -9.91 25.03
C LEU A 482 26.00 -9.85 26.05
N ASP A 483 26.67 -8.69 26.15
CA ASP A 483 27.68 -8.43 27.18
C ASP A 483 27.10 -7.44 28.18
N THR A 484 26.40 -8.00 29.21
CA THR A 484 25.73 -7.26 30.30
C THR A 484 26.67 -6.39 31.12
N SER A 485 27.97 -6.76 31.17
CA SER A 485 29.01 -6.01 31.87
C SER A 485 29.04 -4.62 31.33
N LEU A 486 28.82 -4.49 29.99
CA LEU A 486 28.82 -3.21 29.27
C LEU A 486 27.54 -2.40 29.45
N ILE A 487 26.43 -3.02 29.92
CA ILE A 487 25.15 -2.32 30.16
C ILE A 487 25.10 -1.83 31.62
N PRO A 488 25.17 -0.48 31.86
CA PRO A 488 25.20 0.04 33.24
C PRO A 488 24.09 -0.47 34.18
N TRP A 489 22.82 -0.47 33.73
CA TRP A 489 21.70 -0.93 34.55
C TRP A 489 21.63 -2.46 34.67
N ALA A 490 22.56 -3.19 34.04
CA ALA A 490 22.59 -4.65 34.10
C ALA A 490 23.57 -5.14 35.17
N LYS B 25 -6.37 -10.29 -21.09
CA LYS B 25 -6.04 -10.00 -22.50
C LYS B 25 -7.07 -9.13 -23.26
N LYS B 26 -8.39 -9.31 -22.99
CA LYS B 26 -9.48 -8.58 -23.68
C LYS B 26 -9.81 -7.21 -23.07
N VAL B 27 -10.26 -6.27 -23.93
CA VAL B 27 -10.74 -4.92 -23.60
C VAL B 27 -12.13 -4.66 -24.20
N LEU B 28 -12.98 -3.89 -23.51
CA LEU B 28 -14.29 -3.51 -24.01
C LEU B 28 -14.14 -2.07 -24.48
N THR B 29 -14.27 -1.80 -25.80
CA THR B 29 -14.16 -0.42 -26.27
C THR B 29 -15.38 0.05 -27.05
N LEU B 30 -15.81 1.27 -26.74
CA LEU B 30 -16.95 1.96 -27.32
C LEU B 30 -16.52 3.33 -27.77
N GLU B 31 -16.91 3.70 -28.99
CA GLU B 31 -16.58 5.00 -29.57
C GLU B 31 -17.35 6.16 -28.93
N GLY B 32 -16.70 7.32 -28.93
CA GLY B 32 -17.17 8.58 -28.38
C GLY B 32 -16.13 9.68 -28.51
N ASP B 33 -16.55 10.93 -28.33
CA ASP B 33 -15.69 12.12 -28.41
C ASP B 33 -14.74 12.17 -27.24
N LEU B 34 -15.28 11.74 -26.07
CA LEU B 34 -14.57 11.60 -24.80
C LEU B 34 -14.74 10.15 -24.34
N VAL B 35 -13.61 9.48 -24.05
CA VAL B 35 -13.61 8.11 -23.60
C VAL B 35 -13.36 8.02 -22.08
N LEU B 36 -14.31 7.38 -21.37
CA LEU B 36 -14.12 7.07 -19.97
C LEU B 36 -13.60 5.62 -19.82
N GLY B 37 -12.55 5.49 -19.04
CA GLY B 37 -12.01 4.19 -18.68
C GLY B 37 -12.85 3.60 -17.55
N GLY B 38 -12.94 2.29 -17.53
CA GLY B 38 -13.71 1.54 -16.57
C GLY B 38 -12.88 0.40 -16.04
N LEU B 39 -13.18 -0.03 -14.81
CA LEU B 39 -12.41 -1.10 -14.20
C LEU B 39 -13.33 -1.95 -13.34
N PHE B 40 -13.45 -3.24 -13.71
CA PHE B 40 -14.35 -4.17 -13.02
C PHE B 40 -13.72 -5.54 -12.76
N PRO B 41 -14.16 -6.22 -11.68
CA PRO B 41 -13.64 -7.57 -11.40
C PRO B 41 -14.46 -8.60 -12.19
N VAL B 42 -14.38 -8.54 -13.52
CA VAL B 42 -15.12 -9.44 -14.42
C VAL B 42 -14.90 -10.93 -14.05
N HIS B 43 -13.63 -11.31 -13.74
CA HIS B 43 -13.24 -12.65 -13.27
C HIS B 43 -12.82 -12.57 -11.80
N GLN B 44 -12.85 -13.73 -11.11
CA GLN B 44 -12.37 -13.87 -9.72
C GLN B 44 -10.86 -14.05 -9.81
N LYS B 45 -10.15 -14.11 -8.67
CA LYS B 45 -8.68 -14.34 -8.67
C LYS B 45 -8.44 -15.79 -9.07
N GLY B 46 -7.47 -16.02 -9.95
CA GLY B 46 -7.12 -17.36 -10.42
C GLY B 46 -6.37 -18.22 -9.42
N GLY B 47 -5.92 -19.37 -9.89
CA GLY B 47 -5.16 -20.33 -9.08
C GLY B 47 -3.76 -19.83 -8.77
N PRO B 48 -2.91 -20.64 -8.08
CA PRO B 48 -1.52 -20.17 -7.83
C PRO B 48 -0.76 -20.10 -9.16
N ALA B 49 -1.24 -20.90 -10.14
CA ALA B 49 -0.74 -21.02 -11.49
C ALA B 49 -1.29 -19.96 -12.45
N GLU B 50 -2.63 -19.70 -12.43
CA GLU B 50 -3.31 -18.76 -13.34
C GLU B 50 -3.64 -17.36 -12.73
N ASP B 51 -3.72 -16.34 -13.61
CA ASP B 51 -4.04 -14.95 -13.29
C ASP B 51 -5.52 -14.77 -12.97
N CYS B 52 -6.41 -15.22 -13.87
CA CYS B 52 -7.86 -15.05 -13.71
C CYS B 52 -8.62 -16.33 -13.48
N GLY B 53 -9.61 -16.24 -12.61
CA GLY B 53 -10.50 -17.33 -12.26
C GLY B 53 -11.78 -17.30 -13.08
N PRO B 54 -12.88 -17.90 -12.58
CA PRO B 54 -14.15 -17.87 -13.34
C PRO B 54 -14.84 -16.50 -13.23
N VAL B 55 -15.81 -16.26 -14.12
CA VAL B 55 -16.63 -15.06 -14.25
C VAL B 55 -17.39 -14.73 -12.94
N ASN B 56 -17.53 -13.42 -12.64
CA ASN B 56 -18.25 -12.83 -11.51
C ASN B 56 -19.58 -12.31 -12.04
N GLU B 57 -20.67 -13.04 -11.78
CA GLU B 57 -22.00 -12.65 -12.28
C GLU B 57 -22.49 -11.30 -11.74
N HIS B 58 -22.42 -11.12 -10.42
CA HIS B 58 -22.96 -9.95 -9.73
C HIS B 58 -21.99 -8.75 -9.67
N ARG B 59 -20.83 -8.88 -8.99
CA ARG B 59 -19.84 -7.80 -8.90
C ARG B 59 -19.02 -7.55 -10.22
N GLY B 60 -19.10 -8.46 -11.17
CA GLY B 60 -18.39 -8.35 -12.43
C GLY B 60 -19.30 -7.89 -13.53
N ILE B 61 -20.02 -8.84 -14.16
CA ILE B 61 -20.88 -8.60 -15.32
C ILE B 61 -21.98 -7.57 -15.09
N GLN B 62 -22.74 -7.73 -14.00
CA GLN B 62 -23.83 -6.84 -13.69
C GLN B 62 -23.32 -5.40 -13.46
N ARG B 63 -22.18 -5.27 -12.75
CA ARG B 63 -21.61 -3.93 -12.51
C ARG B 63 -21.08 -3.28 -13.78
N LEU B 64 -20.48 -4.07 -14.67
CA LEU B 64 -19.96 -3.58 -15.94
C LEU B 64 -21.13 -3.15 -16.83
N GLU B 65 -22.24 -3.92 -16.79
CA GLU B 65 -23.40 -3.59 -17.64
C GLU B 65 -24.11 -2.34 -17.16
N ALA B 66 -24.12 -2.08 -15.82
CA ALA B 66 -24.65 -0.83 -15.26
C ALA B 66 -23.90 0.38 -15.84
N MET B 67 -22.55 0.30 -15.98
CA MET B 67 -21.74 1.31 -16.66
C MET B 67 -22.25 1.52 -18.11
N LEU B 68 -22.42 0.44 -18.89
CA LEU B 68 -22.89 0.48 -20.29
C LEU B 68 -24.30 1.08 -20.44
N PHE B 69 -25.21 0.65 -19.54
CA PHE B 69 -26.58 1.12 -19.43
C PHE B 69 -26.54 2.62 -19.20
N ALA B 70 -25.73 3.06 -18.18
CA ALA B 70 -25.61 4.48 -17.78
C ALA B 70 -25.14 5.31 -18.93
N LEU B 71 -24.10 4.86 -19.68
CA LEU B 71 -23.58 5.60 -20.83
C LEU B 71 -24.59 5.68 -21.95
N ASP B 72 -25.43 4.64 -22.09
CA ASP B 72 -26.46 4.59 -23.11
C ASP B 72 -27.49 5.67 -22.82
N ARG B 73 -28.04 5.68 -21.59
CA ARG B 73 -28.97 6.72 -21.16
C ARG B 73 -28.35 8.13 -21.31
N ILE B 74 -27.12 8.36 -20.77
CA ILE B 74 -26.36 9.62 -20.86
C ILE B 74 -26.29 10.10 -22.33
N ASN B 75 -26.02 9.17 -23.26
CA ASN B 75 -25.91 9.50 -24.69
C ASN B 75 -27.28 9.74 -25.37
N ARG B 76 -28.39 9.45 -24.67
CA ARG B 76 -29.78 9.72 -25.11
C ARG B 76 -30.39 10.83 -24.20
N ASP B 77 -29.58 11.43 -23.29
CA ASP B 77 -30.00 12.49 -22.35
C ASP B 77 -29.77 13.84 -23.06
N PRO B 78 -30.84 14.65 -23.25
CA PRO B 78 -30.68 15.90 -24.00
C PRO B 78 -30.00 17.01 -23.21
N HIS B 79 -30.18 17.02 -21.88
CA HIS B 79 -29.64 18.01 -20.96
C HIS B 79 -28.23 17.66 -20.44
N LEU B 80 -27.65 16.51 -20.86
CA LEU B 80 -26.35 16.04 -20.40
C LEU B 80 -25.46 15.68 -21.60
N LEU B 81 -24.48 16.53 -21.88
CA LEU B 81 -23.55 16.42 -23.01
C LEU B 81 -24.26 16.06 -24.35
N PRO B 82 -25.25 16.86 -24.84
CA PRO B 82 -25.92 16.49 -26.11
C PRO B 82 -25.03 16.49 -27.36
N GLY B 83 -23.96 17.28 -27.34
CA GLY B 83 -23.04 17.36 -28.46
C GLY B 83 -21.79 16.53 -28.31
N VAL B 84 -21.57 15.93 -27.10
CA VAL B 84 -20.35 15.11 -26.85
C VAL B 84 -20.72 13.65 -26.49
N ARG B 85 -20.29 12.69 -27.34
CA ARG B 85 -20.55 11.27 -27.13
C ARG B 85 -19.56 10.71 -26.14
N LEU B 86 -20.08 9.94 -25.16
CA LEU B 86 -19.25 9.29 -24.17
C LEU B 86 -18.90 7.87 -24.54
N GLY B 87 -17.64 7.68 -24.89
CA GLY B 87 -17.09 6.38 -25.23
C GLY B 87 -16.57 5.64 -24.00
N ALA B 88 -16.11 4.38 -24.19
CA ALA B 88 -15.60 3.56 -23.10
C ALA B 88 -14.40 2.68 -23.45
N HIS B 89 -13.61 2.35 -22.43
CA HIS B 89 -12.44 1.49 -22.50
C HIS B 89 -12.42 0.78 -21.16
N ILE B 90 -13.20 -0.31 -21.09
CA ILE B 90 -13.41 -1.06 -19.84
C ILE B 90 -12.45 -2.25 -19.74
N LEU B 91 -11.77 -2.35 -18.58
CA LEU B 91 -10.78 -3.37 -18.26
C LEU B 91 -11.22 -4.27 -17.14
N ASP B 92 -10.65 -5.46 -17.12
CA ASP B 92 -10.91 -6.45 -16.10
C ASP B 92 -9.74 -6.47 -15.12
N SER B 93 -10.05 -6.40 -13.82
CA SER B 93 -9.03 -6.43 -12.78
C SER B 93 -8.66 -7.85 -12.38
N CYS B 94 -9.57 -8.83 -12.62
CA CYS B 94 -9.43 -10.23 -12.19
C CYS B 94 -9.31 -10.36 -10.67
N SER B 95 -9.86 -9.38 -9.94
CA SER B 95 -9.94 -9.33 -8.47
C SER B 95 -8.57 -9.33 -7.77
N LYS B 96 -7.50 -9.01 -8.52
CA LYS B 96 -6.15 -8.97 -7.97
C LYS B 96 -5.52 -7.63 -8.36
N ASP B 97 -5.09 -6.87 -7.37
CA ASP B 97 -4.54 -5.53 -7.54
C ASP B 97 -3.40 -5.43 -8.56
N THR B 98 -2.49 -6.44 -8.57
CA THR B 98 -1.34 -6.43 -9.49
C THR B 98 -1.80 -6.55 -10.92
N HIS B 99 -2.89 -7.31 -11.15
CA HIS B 99 -3.45 -7.54 -12.46
C HIS B 99 -4.10 -6.27 -12.92
N ALA B 100 -4.91 -5.65 -12.01
CA ALA B 100 -5.58 -4.37 -12.28
C ALA B 100 -4.57 -3.37 -12.86
N LEU B 101 -3.39 -3.28 -12.27
CA LEU B 101 -2.29 -2.43 -12.72
C LEU B 101 -1.73 -2.73 -14.10
N GLU B 102 -1.53 -4.00 -14.40
CA GLU B 102 -1.02 -4.41 -15.71
C GLU B 102 -1.97 -3.91 -16.79
N GLN B 103 -3.26 -4.02 -16.50
CA GLN B 103 -4.34 -3.55 -17.38
C GLN B 103 -4.36 -2.05 -17.40
N ALA B 104 -4.35 -1.43 -16.22
CA ALA B 104 -4.39 0.01 -16.04
C ALA B 104 -3.31 0.75 -16.86
N LEU B 105 -2.23 0.07 -17.29
CA LEU B 105 -1.24 0.72 -18.19
C LEU B 105 -1.89 1.27 -19.46
N ASP B 106 -2.91 0.58 -19.99
CA ASP B 106 -3.67 1.05 -21.16
C ASP B 106 -4.13 2.51 -21.02
N PHE B 107 -4.66 2.87 -19.85
CA PHE B 107 -5.15 4.21 -19.52
C PHE B 107 -4.10 5.29 -19.67
N VAL B 108 -2.81 4.93 -19.54
CA VAL B 108 -1.70 5.88 -19.50
C VAL B 108 -0.67 5.66 -20.58
N ARG B 109 -0.82 4.61 -21.39
CA ARG B 109 0.19 4.24 -22.39
C ARG B 109 0.52 5.37 -23.39
N ALA B 110 -0.51 6.07 -23.90
CA ALA B 110 -0.36 7.16 -24.86
C ALA B 110 0.63 8.20 -24.34
N SER B 111 0.32 8.81 -23.18
CA SER B 111 1.14 9.81 -22.50
C SER B 111 2.59 9.35 -22.30
N LEU B 112 2.79 8.13 -21.77
CA LEU B 112 4.09 7.51 -21.52
C LEU B 112 4.92 7.24 -22.82
N SER B 113 4.35 7.63 -24.01
CA SER B 113 4.90 7.56 -25.36
C SER B 113 5.73 6.31 -25.69
N PRO B 135 -4.87 3.18 -26.33
CA PRO B 135 -5.94 4.20 -26.27
C PRO B 135 -5.33 5.61 -26.36
N THR B 136 -5.81 6.41 -27.33
CA THR B 136 -5.29 7.76 -27.60
C THR B 136 -5.45 8.69 -26.37
N ALA B 137 -6.61 8.67 -25.67
CA ALA B 137 -6.86 9.54 -24.52
C ALA B 137 -7.98 9.01 -23.60
N ILE B 138 -7.71 8.92 -22.28
CA ILE B 138 -8.68 8.50 -21.26
C ILE B 138 -9.01 9.72 -20.41
N THR B 139 -10.25 10.17 -20.49
CA THR B 139 -10.68 11.36 -19.79
C THR B 139 -10.85 11.13 -18.25
N GLY B 140 -11.13 9.90 -17.84
CA GLY B 140 -11.34 9.59 -16.43
C GLY B 140 -11.68 8.13 -16.24
N VAL B 141 -11.42 7.63 -15.03
CA VAL B 141 -11.60 6.21 -14.73
C VAL B 141 -12.73 5.95 -13.69
N ILE B 142 -13.71 5.14 -14.11
CA ILE B 142 -14.82 4.70 -13.28
C ILE B 142 -14.35 3.36 -12.85
N GLY B 143 -13.94 3.26 -11.63
CA GLY B 143 -13.48 1.96 -11.22
C GLY B 143 -12.71 1.83 -9.95
N GLY B 144 -12.50 0.56 -9.73
CA GLY B 144 -11.94 -0.02 -8.55
C GLY B 144 -13.16 -0.53 -7.81
N SER B 145 -13.17 -1.84 -7.59
CA SER B 145 -14.19 -2.50 -6.78
C SER B 145 -13.56 -2.63 -5.39
N TYR B 146 -12.54 -3.49 -5.28
CA TYR B 146 -11.76 -3.78 -4.09
C TYR B 146 -10.84 -2.61 -3.80
N SER B 147 -10.84 -2.14 -2.54
CA SER B 147 -10.01 -1.02 -2.06
C SER B 147 -8.55 -1.12 -2.51
N ASP B 148 -7.94 -2.35 -2.41
CA ASP B 148 -6.56 -2.64 -2.78
C ASP B 148 -6.28 -2.35 -4.26
N VAL B 149 -7.27 -2.61 -5.12
CA VAL B 149 -7.25 -2.35 -6.56
C VAL B 149 -7.28 -0.81 -6.79
N SER B 150 -8.24 -0.12 -6.14
CA SER B 150 -8.42 1.33 -6.27
C SER B 150 -7.21 2.08 -5.81
N ILE B 151 -6.54 1.59 -4.72
CA ILE B 151 -5.33 2.18 -4.16
C ILE B 151 -4.14 2.02 -5.17
N GLN B 152 -3.94 0.80 -5.68
CA GLN B 152 -2.91 0.46 -6.65
C GLN B 152 -3.04 1.27 -7.94
N VAL B 153 -4.27 1.31 -8.50
CA VAL B 153 -4.60 2.01 -9.75
C VAL B 153 -4.53 3.53 -9.53
N ALA B 154 -4.94 4.01 -8.35
CA ALA B 154 -4.84 5.44 -8.01
C ALA B 154 -3.40 5.93 -8.07
N ASN B 155 -2.43 5.11 -7.54
CA ASN B 155 -1.00 5.43 -7.46
C ASN B 155 -0.37 5.62 -8.83
N LEU B 156 -0.98 5.06 -9.86
CA LEU B 156 -0.51 5.21 -11.23
C LEU B 156 -1.28 6.33 -11.93
N LEU B 157 -2.58 6.38 -11.73
CA LEU B 157 -3.39 7.34 -12.42
C LEU B 157 -3.10 8.76 -12.03
N ARG B 158 -2.74 9.01 -10.78
CA ARG B 158 -2.34 10.32 -10.27
C ARG B 158 -1.06 10.87 -10.96
N LEU B 159 -0.14 9.99 -11.44
CA LEU B 159 1.09 10.38 -12.14
C LEU B 159 0.78 10.96 -13.52
N PHE B 160 -0.47 10.78 -14.00
CA PHE B 160 -0.94 11.23 -15.32
C PHE B 160 -2.12 12.20 -15.24
N GLN B 161 -2.47 12.64 -14.02
CA GLN B 161 -3.56 13.57 -13.76
C GLN B 161 -4.92 13.01 -14.26
N ILE B 162 -5.11 11.66 -14.22
CA ILE B 162 -6.35 11.05 -14.62
C ILE B 162 -7.31 10.92 -13.43
N PRO B 163 -8.45 11.65 -13.46
CA PRO B 163 -9.45 11.51 -12.37
C PRO B 163 -10.04 10.09 -12.26
N GLN B 164 -10.32 9.67 -11.03
CA GLN B 164 -10.87 8.33 -10.74
C GLN B 164 -12.06 8.38 -9.75
N ILE B 165 -13.14 7.65 -10.07
CA ILE B 165 -14.33 7.55 -9.24
C ILE B 165 -14.63 6.08 -8.93
N SER B 166 -14.55 5.67 -7.67
CA SER B 166 -14.87 4.29 -7.32
C SER B 166 -16.32 4.20 -6.89
N TYR B 167 -16.94 3.05 -7.19
CA TYR B 167 -18.34 2.73 -6.92
C TYR B 167 -18.47 1.72 -5.77
N ALA B 168 -17.33 1.27 -5.22
CA ALA B 168 -17.30 0.20 -4.23
C ALA B 168 -16.23 0.25 -3.18
N SER B 169 -15.09 0.93 -3.45
CA SER B 169 -13.95 0.96 -2.51
C SER B 169 -14.22 1.84 -1.29
N THR B 170 -14.11 1.24 -0.10
CA THR B 170 -14.45 1.96 1.12
C THR B 170 -13.32 2.10 2.15
N SER B 171 -12.05 1.73 1.84
CA SER B 171 -10.96 1.91 2.81
C SER B 171 -10.84 3.39 3.24
N ALA B 172 -10.53 3.64 4.52
CA ALA B 172 -10.44 5.01 5.03
C ALA B 172 -9.23 5.74 4.45
N LYS B 173 -8.13 5.02 4.16
CA LYS B 173 -6.89 5.53 3.55
C LYS B 173 -7.20 6.47 2.37
N LEU B 174 -8.07 6.01 1.44
CA LEU B 174 -8.47 6.74 0.24
C LEU B 174 -9.01 8.15 0.49
N SER B 175 -9.43 8.44 1.70
CA SER B 175 -9.90 9.77 2.08
C SER B 175 -8.75 10.84 2.15
N ASP B 176 -7.48 10.37 2.19
CA ASP B 176 -6.26 11.17 2.27
C ASP B 176 -5.96 11.79 0.92
N LYS B 177 -6.16 13.10 0.80
CA LYS B 177 -5.86 13.76 -0.47
C LYS B 177 -4.37 14.12 -0.62
N SER B 178 -3.55 13.73 0.38
CA SER B 178 -2.10 13.94 0.32
C SER B 178 -1.48 12.81 -0.50
N ARG B 179 -2.15 11.66 -0.57
CA ARG B 179 -1.69 10.52 -1.34
C ARG B 179 -2.54 10.10 -2.51
N TYR B 180 -3.85 10.24 -2.40
CA TYR B 180 -4.83 9.87 -3.44
C TYR B 180 -5.60 11.12 -3.89
N ASP B 181 -4.84 12.07 -4.48
CA ASP B 181 -5.29 13.40 -4.89
C ASP B 181 -6.11 13.43 -6.20
N TYR B 182 -6.28 12.28 -6.89
CA TYR B 182 -7.10 12.18 -8.12
C TYR B 182 -8.22 11.16 -7.95
N PHE B 183 -8.50 10.79 -6.69
CA PHE B 183 -9.49 9.78 -6.33
C PHE B 183 -10.68 10.42 -5.67
N ALA B 184 -11.85 9.90 -6.04
CA ALA B 184 -13.18 10.25 -5.55
C ALA B 184 -14.01 8.98 -5.59
N ARG B 185 -15.04 8.91 -4.74
CA ARG B 185 -15.90 7.74 -4.66
C ARG B 185 -17.33 8.08 -4.36
N THR B 186 -18.27 7.31 -4.91
CA THR B 186 -19.68 7.57 -4.68
C THR B 186 -20.16 6.85 -3.40
N VAL B 187 -19.28 6.08 -2.79
CA VAL B 187 -19.53 5.37 -1.54
C VAL B 187 -18.83 6.13 -0.37
N PRO B 188 -19.30 5.98 0.90
CA PRO B 188 -18.60 6.66 2.02
C PRO B 188 -17.39 5.85 2.53
N PRO B 189 -16.45 6.42 3.32
CA PRO B 189 -15.36 5.59 3.83
C PRO B 189 -15.84 4.67 4.99
N ASP B 190 -15.04 3.65 5.32
CA ASP B 190 -15.36 2.73 6.40
C ASP B 190 -15.28 3.34 7.79
N PHE B 191 -14.82 4.62 7.89
CA PHE B 191 -14.74 5.37 9.13
C PHE B 191 -16.13 5.37 9.77
N PHE B 192 -17.17 5.64 8.96
CA PHE B 192 -18.58 5.69 9.30
C PHE B 192 -19.20 4.29 9.40
N GLN B 193 -18.69 3.27 8.67
CA GLN B 193 -19.28 1.93 8.78
C GLN B 193 -19.02 1.39 10.16
N ALA B 194 -17.72 1.40 10.56
CA ALA B 194 -17.21 1.00 11.88
C ALA B 194 -17.94 1.73 13.04
N LYS B 195 -18.11 3.07 12.88
CA LYS B 195 -18.83 3.98 13.77
C LYS B 195 -20.28 3.49 13.96
N ALA B 196 -20.90 2.95 12.88
CA ALA B 196 -22.26 2.39 12.93
C ALA B 196 -22.24 1.04 13.68
N MET B 197 -21.32 0.12 13.29
CA MET B 197 -21.16 -1.21 13.88
C MET B 197 -21.00 -1.13 15.41
N ALA B 198 -20.12 -0.22 15.87
CA ALA B 198 -19.88 -0.01 17.29
C ALA B 198 -21.13 0.59 17.95
N GLU B 199 -21.87 1.49 17.25
CA GLU B 199 -23.11 2.10 17.77
C GLU B 199 -24.24 1.07 18.00
N ILE B 200 -24.28 -0.01 17.18
CA ILE B 200 -25.25 -1.10 17.31
C ILE B 200 -24.97 -1.81 18.64
N LEU B 201 -23.70 -2.17 18.88
CA LEU B 201 -23.23 -2.85 20.09
C LEU B 201 -23.58 -2.11 21.40
N ARG B 202 -23.33 -0.77 21.44
CA ARG B 202 -23.64 0.09 22.59
C ARG B 202 -25.15 0.14 22.90
N PHE B 203 -26.00 0.13 21.84
CA PHE B 203 -27.46 0.12 21.94
C PHE B 203 -27.93 -1.19 22.55
N PHE B 204 -27.27 -2.29 22.19
CA PHE B 204 -27.60 -3.61 22.67
C PHE B 204 -26.82 -4.00 23.90
N ASN B 205 -26.02 -3.07 24.45
CA ASN B 205 -25.22 -3.24 25.67
C ASN B 205 -24.25 -4.45 25.59
N TRP B 206 -23.62 -4.64 24.40
CA TRP B 206 -22.65 -5.71 24.14
C TRP B 206 -21.24 -5.16 24.40
N THR B 207 -20.79 -5.29 25.67
CA THR B 207 -19.51 -4.77 26.16
C THR B 207 -18.34 -5.75 25.91
N TYR B 208 -18.57 -7.04 25.81
CA TYR B 208 -17.49 -7.96 25.51
C TYR B 208 -17.73 -8.67 24.20
N VAL B 209 -16.79 -8.54 23.26
CA VAL B 209 -16.94 -9.03 21.89
C VAL B 209 -15.63 -9.26 21.17
N SER B 210 -15.66 -9.94 20.04
CA SER B 210 -14.45 -10.19 19.28
C SER B 210 -14.53 -9.75 17.83
N THR B 211 -13.44 -9.93 17.10
CA THR B 211 -13.33 -9.44 15.76
C THR B 211 -12.66 -10.37 14.83
N VAL B 212 -13.18 -10.49 13.62
CA VAL B 212 -12.43 -11.13 12.58
C VAL B 212 -12.25 -10.15 11.46
N ALA B 213 -11.34 -10.44 10.54
CA ALA B 213 -11.03 -9.50 9.48
C ALA B 213 -10.02 -10.05 8.50
N SER B 214 -10.15 -9.73 7.24
CA SER B 214 -9.34 -10.28 6.18
C SER B 214 -8.09 -9.50 5.83
N GLU B 215 -7.12 -10.17 5.31
CA GLU B 215 -5.91 -9.51 4.86
C GLU B 215 -6.29 -8.60 3.72
N GLY B 216 -5.84 -7.37 3.82
CA GLY B 216 -6.05 -6.39 2.77
C GLY B 216 -6.38 -5.06 3.40
N ASP B 217 -6.29 -4.00 2.60
CA ASP B 217 -6.53 -2.67 3.09
C ASP B 217 -7.90 -2.50 3.74
N TYR B 218 -8.99 -2.84 3.03
CA TYR B 218 -10.38 -2.79 3.53
C TYR B 218 -10.60 -3.36 4.96
N GLY B 219 -10.33 -4.66 5.15
CA GLY B 219 -10.60 -5.38 6.38
C GLY B 219 -9.75 -4.96 7.55
N GLU B 220 -8.41 -5.03 7.36
CA GLU B 220 -7.40 -4.65 8.37
C GLU B 220 -7.70 -3.23 8.91
N THR B 221 -7.73 -2.23 8.00
CA THR B 221 -8.04 -0.82 8.34
C THR B 221 -9.53 -0.61 8.72
N GLY B 222 -10.35 -1.63 8.51
CA GLY B 222 -11.77 -1.54 8.83
C GLY B 222 -12.04 -1.90 10.27
N ILE B 223 -11.35 -2.94 10.73
CA ILE B 223 -11.50 -3.43 12.08
C ILE B 223 -10.79 -2.48 13.10
N GLU B 224 -9.68 -1.81 12.71
CA GLU B 224 -8.99 -0.87 13.60
C GLU B 224 -9.92 0.30 13.91
N ALA B 225 -10.69 0.74 12.89
CA ALA B 225 -11.67 1.81 13.00
C ALA B 225 -12.83 1.38 13.91
N PHE B 226 -13.16 0.08 13.92
CA PHE B 226 -14.24 -0.44 14.76
C PHE B 226 -13.78 -0.40 16.20
N GLU B 227 -12.64 -1.07 16.49
CA GLU B 227 -11.98 -1.19 17.79
C GLU B 227 -11.76 0.20 18.46
N LEU B 228 -11.36 1.20 17.66
CA LEU B 228 -11.17 2.57 18.11
C LEU B 228 -12.51 3.18 18.60
N GLU B 229 -13.59 3.04 17.80
CA GLU B 229 -14.95 3.52 18.11
C GLU B 229 -15.59 2.71 19.27
N ALA B 230 -15.14 1.44 19.41
CA ALA B 230 -15.59 0.50 20.43
C ALA B 230 -15.05 0.96 21.78
N ARG B 231 -13.71 1.14 21.87
CA ARG B 231 -13.00 1.61 23.07
C ARG B 231 -13.56 2.93 23.59
N ALA B 232 -13.91 3.85 22.68
CA ALA B 232 -14.53 5.15 23.00
C ALA B 232 -15.93 5.01 23.64
N ARG B 233 -16.58 3.86 23.45
CA ARG B 233 -17.93 3.57 23.94
C ARG B 233 -17.95 2.62 25.14
N ASN B 234 -16.74 2.26 25.63
CA ASN B 234 -16.47 1.31 26.74
C ASN B 234 -16.83 -0.10 26.30
N ILE B 235 -16.35 -0.49 25.11
CA ILE B 235 -16.57 -1.83 24.54
C ILE B 235 -15.23 -2.53 24.45
N SER B 236 -15.13 -3.69 25.11
CA SER B 236 -13.94 -4.53 25.21
C SER B 236 -13.82 -5.48 24.03
N VAL B 237 -12.59 -5.90 23.71
CA VAL B 237 -12.30 -6.84 22.64
C VAL B 237 -11.61 -8.08 23.24
N ALA B 238 -12.18 -9.27 22.96
CA ALA B 238 -11.73 -10.58 23.44
C ALA B 238 -10.50 -11.08 22.63
N THR B 239 -10.70 -11.29 21.33
CA THR B 239 -9.69 -11.71 20.38
C THR B 239 -9.86 -10.89 19.08
N SER B 240 -8.76 -10.70 18.34
CA SER B 240 -8.71 -9.97 17.10
C SER B 240 -8.05 -10.87 16.09
N GLU B 241 -8.86 -11.47 15.21
CA GLU B 241 -8.40 -12.46 14.24
C GLU B 241 -8.17 -11.92 12.83
N LYS B 242 -7.31 -12.61 12.06
CA LYS B 242 -6.90 -12.29 10.69
C LYS B 242 -7.22 -13.47 9.75
N VAL B 243 -7.81 -13.19 8.56
CA VAL B 243 -8.18 -14.23 7.58
C VAL B 243 -7.73 -13.89 6.13
N GLY B 244 -7.18 -14.89 5.43
CA GLY B 244 -6.75 -14.78 4.04
C GLY B 244 -7.60 -15.63 3.11
N ARG B 245 -7.39 -15.51 1.78
CA ARG B 245 -8.10 -16.30 0.74
C ARG B 245 -7.39 -17.65 0.56
N ALA B 246 -6.04 -17.64 0.68
CA ALA B 246 -5.16 -18.83 0.59
C ALA B 246 -5.53 -19.85 1.68
N MET B 247 -6.04 -19.35 2.85
CA MET B 247 -6.50 -20.10 4.02
C MET B 247 -7.45 -21.23 3.64
N SER B 248 -7.16 -22.45 4.11
CA SER B 248 -8.00 -23.63 3.84
C SER B 248 -8.97 -23.94 4.99
N ARG B 249 -9.89 -24.91 4.75
CA ARG B 249 -10.95 -25.36 5.67
C ARG B 249 -10.48 -25.49 7.13
N ALA B 250 -9.32 -26.14 7.34
CA ALA B 250 -8.67 -26.39 8.64
C ALA B 250 -8.33 -25.07 9.36
N ALA B 251 -7.72 -24.11 8.62
CA ALA B 251 -7.32 -22.80 9.11
C ALA B 251 -8.53 -21.96 9.52
N PHE B 252 -9.67 -22.11 8.82
CA PHE B 252 -10.87 -21.37 9.16
C PHE B 252 -11.49 -21.90 10.46
N GLU B 253 -11.37 -23.22 10.69
CA GLU B 253 -11.88 -23.89 11.89
C GLU B 253 -11.13 -23.41 13.12
N GLY B 254 -9.82 -23.15 12.95
CA GLY B 254 -8.94 -22.64 13.99
C GLY B 254 -9.34 -21.26 14.48
N VAL B 255 -9.92 -20.42 13.56
CA VAL B 255 -10.38 -19.06 13.84
C VAL B 255 -11.59 -19.12 14.78
N VAL B 256 -12.55 -20.01 14.45
CA VAL B 256 -13.78 -20.29 15.20
C VAL B 256 -13.36 -20.84 16.58
N ARG B 257 -12.36 -21.76 16.59
CA ARG B 257 -11.78 -22.37 17.79
C ARG B 257 -11.26 -21.25 18.66
N ALA B 258 -10.44 -20.35 18.06
CA ALA B 258 -9.84 -19.19 18.72
C ALA B 258 -10.88 -18.22 19.31
N LEU B 259 -12.02 -18.06 18.63
CA LEU B 259 -13.11 -17.18 19.09
C LEU B 259 -13.88 -17.75 20.30
N LEU B 260 -13.69 -19.06 20.56
CA LEU B 260 -14.33 -19.75 21.68
C LEU B 260 -13.51 -19.64 22.97
N GLN B 261 -12.16 -19.46 22.86
CA GLN B 261 -11.19 -19.32 23.96
C GLN B 261 -11.64 -18.28 24.99
N LYS B 262 -12.33 -17.25 24.50
CA LYS B 262 -12.95 -16.22 25.32
C LYS B 262 -14.47 -16.36 25.07
N PRO B 263 -15.13 -17.26 25.85
CA PRO B 263 -16.55 -17.55 25.59
C PRO B 263 -17.53 -16.54 26.14
N SER B 264 -17.02 -15.55 26.91
CA SER B 264 -17.83 -14.45 27.45
C SER B 264 -18.24 -13.52 26.30
N ALA B 265 -17.52 -13.62 25.14
CA ALA B 265 -17.78 -12.90 23.90
C ALA B 265 -18.49 -13.82 22.92
N ARG B 266 -19.83 -13.67 22.87
CA ARG B 266 -20.73 -14.41 21.99
C ARG B 266 -20.80 -13.65 20.64
N VAL B 267 -20.85 -12.29 20.72
CA VAL B 267 -20.91 -11.39 19.57
C VAL B 267 -19.57 -11.34 18.82
N ALA B 268 -19.61 -11.58 17.51
CA ALA B 268 -18.42 -11.53 16.65
C ALA B 268 -18.61 -10.38 15.65
N VAL B 269 -17.59 -9.53 15.52
CA VAL B 269 -17.64 -8.38 14.62
C VAL B 269 -16.72 -8.62 13.41
N LEU B 270 -17.27 -8.66 12.22
CA LEU B 270 -16.50 -9.01 11.03
C LEU B 270 -16.41 -7.89 10.02
N PHE B 271 -15.22 -7.69 9.48
CA PHE B 271 -14.87 -6.77 8.39
C PHE B 271 -14.17 -7.66 7.39
N THR B 272 -14.95 -8.56 6.75
CA THR B 272 -14.41 -9.55 5.83
C THR B 272 -14.97 -9.49 4.41
N ARG B 273 -14.23 -10.16 3.49
CA ARG B 273 -14.63 -10.33 2.09
C ARG B 273 -15.74 -11.37 2.10
N SER B 274 -16.53 -11.45 1.03
CA SER B 274 -17.68 -12.36 0.94
C SER B 274 -17.31 -13.80 1.24
N GLU B 275 -16.34 -14.33 0.47
CA GLU B 275 -15.82 -15.69 0.57
C GLU B 275 -15.10 -16.00 1.88
N ASP B 276 -14.72 -14.98 2.65
CA ASP B 276 -14.10 -15.22 3.95
C ASP B 276 -15.20 -15.37 4.99
N ALA B 277 -16.23 -14.51 4.91
CA ALA B 277 -17.39 -14.56 5.78
C ALA B 277 -18.07 -15.91 5.57
N ARG B 278 -18.23 -16.32 4.28
CA ARG B 278 -18.80 -17.58 3.82
C ARG B 278 -18.13 -18.75 4.51
N GLU B 279 -16.80 -18.83 4.41
CA GLU B 279 -15.97 -19.88 4.99
C GLU B 279 -16.06 -19.97 6.50
N LEU B 280 -15.86 -18.85 7.21
CA LEU B 280 -15.94 -18.77 8.66
C LEU B 280 -17.33 -19.19 9.17
N LEU B 281 -18.36 -18.93 8.37
CA LEU B 281 -19.76 -19.30 8.66
C LEU B 281 -19.94 -20.80 8.43
N ALA B 282 -19.27 -21.36 7.40
CA ALA B 282 -19.33 -22.79 7.07
C ALA B 282 -18.61 -23.58 8.18
N ALA B 283 -17.43 -23.08 8.62
CA ALA B 283 -16.63 -23.65 9.69
C ALA B 283 -17.43 -23.71 10.98
N SER B 284 -18.27 -22.70 11.22
CA SER B 284 -19.16 -22.62 12.39
C SER B 284 -20.20 -23.75 12.39
N GLN B 285 -20.93 -23.96 11.25
CA GLN B 285 -21.94 -25.02 11.09
C GLN B 285 -21.25 -26.40 11.20
N ARG B 286 -20.03 -26.54 10.61
CA ARG B 286 -19.16 -27.73 10.63
C ARG B 286 -18.94 -28.28 12.04
N LEU B 287 -18.41 -27.43 12.95
CA LEU B 287 -18.14 -27.80 14.34
C LEU B 287 -19.19 -27.24 15.33
N ASN B 288 -20.43 -27.04 14.83
CA ASN B 288 -21.60 -26.55 15.58
C ASN B 288 -21.24 -25.46 16.61
N ALA B 289 -20.90 -24.24 16.12
CA ALA B 289 -20.57 -23.09 16.94
C ALA B 289 -21.65 -22.00 16.81
N SER B 290 -21.96 -21.28 17.92
CA SER B 290 -22.99 -20.24 17.94
C SER B 290 -22.45 -18.82 18.31
N PHE B 291 -22.49 -17.89 17.32
CA PHE B 291 -22.05 -16.50 17.46
C PHE B 291 -23.12 -15.48 17.06
N THR B 292 -23.01 -14.27 17.63
CA THR B 292 -23.89 -13.15 17.29
C THR B 292 -23.07 -12.26 16.33
N TRP B 293 -23.11 -12.60 15.03
CA TRP B 293 -22.37 -11.86 14.02
C TRP B 293 -22.91 -10.44 13.79
N VAL B 294 -21.99 -9.49 13.72
CA VAL B 294 -22.22 -8.10 13.36
C VAL B 294 -21.21 -7.94 12.21
N ALA B 295 -21.69 -7.93 10.94
CA ALA B 295 -20.74 -7.94 9.81
C ALA B 295 -20.91 -6.80 8.83
N SER B 296 -19.77 -6.41 8.20
CA SER B 296 -19.64 -5.33 7.22
C SER B 296 -20.20 -5.66 5.82
N ASP B 297 -20.23 -4.65 4.92
CA ASP B 297 -20.74 -4.66 3.55
C ASP B 297 -20.28 -5.85 2.69
N GLY B 298 -19.07 -6.36 2.94
CA GLY B 298 -18.51 -7.53 2.27
C GLY B 298 -19.47 -8.71 2.29
N TRP B 299 -20.02 -9.03 3.48
CA TRP B 299 -21.05 -10.04 3.65
C TRP B 299 -22.39 -9.40 3.23
N GLY B 300 -22.67 -8.19 3.72
CA GLY B 300 -23.90 -7.45 3.46
C GLY B 300 -25.15 -8.31 3.53
N ALA B 301 -26.01 -8.27 2.50
CA ALA B 301 -27.21 -9.15 2.43
C ALA B 301 -27.07 -10.14 1.24
N LEU B 302 -25.87 -10.74 1.11
CA LEU B 302 -25.55 -11.72 0.10
C LEU B 302 -26.03 -13.11 0.52
N GLU B 303 -26.91 -13.72 -0.30
CA GLU B 303 -27.47 -15.04 -0.07
C GLU B 303 -26.35 -16.08 -0.22
N SER B 304 -25.37 -15.84 -1.13
CA SER B 304 -24.19 -16.68 -1.41
C SER B 304 -23.27 -16.92 -0.22
N VAL B 305 -23.14 -15.92 0.65
CA VAL B 305 -22.30 -15.94 1.85
C VAL B 305 -22.87 -16.99 2.85
N VAL B 306 -24.21 -17.00 2.99
CA VAL B 306 -24.92 -17.84 3.93
C VAL B 306 -25.35 -19.19 3.36
N ALA B 307 -25.83 -19.23 2.10
CA ALA B 307 -26.29 -20.44 1.41
C ALA B 307 -25.48 -21.67 1.80
N GLY B 308 -26.13 -22.59 2.52
CA GLY B 308 -25.56 -23.85 2.99
C GLY B 308 -25.24 -23.91 4.47
N SER B 309 -24.92 -22.77 5.09
CA SER B 309 -24.57 -22.65 6.52
C SER B 309 -25.60 -21.75 7.24
N GLU B 310 -26.88 -21.84 6.82
CA GLU B 310 -27.97 -21.03 7.35
C GLU B 310 -28.14 -21.05 8.85
N GLY B 311 -28.12 -22.24 9.43
CA GLY B 311 -28.28 -22.46 10.87
C GLY B 311 -27.37 -21.60 11.72
N ALA B 312 -26.04 -21.65 11.43
CA ALA B 312 -24.96 -20.89 12.08
C ALA B 312 -25.20 -19.37 11.95
N ALA B 313 -25.62 -18.93 10.74
CA ALA B 313 -25.89 -17.54 10.42
C ALA B 313 -27.12 -16.97 11.08
N GLU B 314 -28.14 -17.81 11.36
CA GLU B 314 -29.40 -17.34 11.97
C GLU B 314 -29.15 -16.36 13.13
N GLY B 315 -29.72 -15.16 13.01
CA GLY B 315 -29.59 -14.12 14.03
C GLY B 315 -28.59 -13.00 13.76
N ALA B 316 -27.69 -13.16 12.76
CA ALA B 316 -26.66 -12.17 12.39
C ALA B 316 -27.25 -10.82 12.03
N ILE B 317 -26.54 -9.74 12.39
CA ILE B 317 -26.85 -8.35 12.05
C ILE B 317 -25.76 -7.88 11.06
N THR B 318 -26.17 -7.49 9.83
CA THR B 318 -25.18 -7.11 8.82
C THR B 318 -25.43 -5.74 8.22
N ILE B 319 -24.36 -5.12 7.75
CA ILE B 319 -24.34 -3.79 7.15
C ILE B 319 -24.17 -3.87 5.64
N GLU B 320 -25.02 -3.13 4.94
CA GLU B 320 -25.01 -2.95 3.50
C GLU B 320 -25.11 -1.45 3.31
N LEU B 321 -24.21 -0.89 2.51
CA LEU B 321 -24.21 0.55 2.18
C LEU B 321 -25.58 0.82 1.60
N ALA B 322 -26.26 1.84 2.13
CA ALA B 322 -27.60 2.22 1.72
C ALA B 322 -27.71 2.57 0.24
N SER B 323 -28.53 1.78 -0.49
CA SER B 323 -28.78 1.95 -1.91
C SER B 323 -30.21 1.56 -2.24
N TYR B 324 -30.62 1.75 -3.49
CA TYR B 324 -31.96 1.34 -3.91
C TYR B 324 -31.85 0.61 -5.23
N PRO B 325 -32.77 -0.31 -5.58
CA PRO B 325 -32.71 -0.94 -6.92
C PRO B 325 -33.09 0.05 -8.03
N ILE B 326 -32.76 -0.28 -9.28
CA ILE B 326 -33.09 0.48 -10.50
C ILE B 326 -33.92 -0.44 -11.45
N SER B 327 -35.23 -0.18 -11.55
CA SER B 327 -36.13 -1.00 -12.39
C SER B 327 -35.74 -0.98 -13.86
N ASP B 328 -35.28 0.17 -14.37
CA ASP B 328 -34.84 0.27 -15.76
C ASP B 328 -33.63 -0.61 -16.01
N PHE B 329 -32.72 -0.76 -15.00
CA PHE B 329 -31.53 -1.60 -15.16
C PHE B 329 -31.86 -3.09 -15.21
N ALA B 330 -32.78 -3.58 -14.35
CA ALA B 330 -33.28 -4.98 -14.36
C ALA B 330 -33.80 -5.37 -15.76
N SER B 331 -34.63 -4.51 -16.36
CA SER B 331 -35.21 -4.68 -17.70
C SER B 331 -34.09 -4.77 -18.72
N TYR B 332 -33.09 -3.87 -18.61
CA TYR B 332 -31.93 -3.82 -19.49
C TYR B 332 -31.11 -5.13 -19.43
N PHE B 333 -30.76 -5.55 -18.21
CA PHE B 333 -29.94 -6.73 -17.98
C PHE B 333 -30.58 -8.01 -18.44
N GLN B 334 -31.90 -8.16 -18.13
CA GLN B 334 -32.71 -9.33 -18.47
C GLN B 334 -32.96 -9.45 -19.97
N SER B 335 -32.86 -8.36 -20.70
CA SER B 335 -33.05 -8.39 -22.14
C SER B 335 -31.72 -8.65 -22.91
N LEU B 336 -30.58 -8.86 -22.18
CA LEU B 336 -29.27 -9.12 -22.84
C LEU B 336 -29.16 -10.57 -23.30
N ASP B 337 -28.58 -10.77 -24.49
CA ASP B 337 -28.39 -12.09 -25.08
C ASP B 337 -27.06 -12.18 -25.84
N PRO B 338 -26.46 -13.39 -25.99
CA PRO B 338 -25.12 -13.52 -26.62
C PRO B 338 -24.97 -13.05 -28.04
N TRP B 339 -26.07 -13.07 -28.79
CA TRP B 339 -26.08 -12.65 -30.18
C TRP B 339 -26.29 -11.13 -30.29
N ASN B 340 -27.02 -10.50 -29.35
CA ASN B 340 -27.25 -9.04 -29.37
C ASN B 340 -26.32 -8.23 -28.48
N ASN B 341 -25.50 -8.88 -27.62
CA ASN B 341 -24.60 -8.14 -26.73
C ASN B 341 -23.10 -8.31 -27.11
N SER B 342 -22.82 -8.38 -28.43
CA SER B 342 -21.46 -8.53 -28.95
C SER B 342 -20.42 -7.56 -28.33
N ARG B 343 -20.88 -6.32 -27.98
CA ARG B 343 -20.03 -5.24 -27.44
C ARG B 343 -19.40 -5.60 -26.12
N ASN B 344 -19.93 -6.61 -25.41
CA ASN B 344 -19.31 -7.08 -24.19
C ASN B 344 -18.43 -8.29 -24.55
N PRO B 345 -17.08 -8.14 -24.53
CA PRO B 345 -16.20 -9.26 -24.92
C PRO B 345 -16.31 -10.50 -24.04
N TRP B 346 -16.81 -10.31 -22.81
CA TRP B 346 -16.95 -11.34 -21.80
C TRP B 346 -18.33 -11.96 -21.65
N PHE B 347 -19.37 -11.39 -22.28
CA PHE B 347 -20.73 -11.88 -22.11
C PHE B 347 -20.94 -13.35 -22.54
N ARG B 348 -20.35 -13.79 -23.66
CA ARG B 348 -20.44 -15.20 -24.09
C ARG B 348 -19.81 -16.15 -23.02
N GLU B 349 -18.71 -15.73 -22.36
CA GLU B 349 -18.08 -16.51 -21.31
C GLU B 349 -18.99 -16.53 -20.07
N PHE B 350 -19.56 -15.37 -19.68
CA PHE B 350 -20.51 -15.32 -18.57
C PHE B 350 -21.65 -16.34 -18.84
N TRP B 351 -22.22 -16.32 -20.06
CA TRP B 351 -23.35 -17.14 -20.50
C TRP B 351 -23.08 -18.65 -20.40
N GLU B 352 -21.95 -19.12 -20.97
CA GLU B 352 -21.53 -20.54 -20.89
C GLU B 352 -21.48 -20.97 -19.42
N GLN B 353 -20.84 -20.18 -18.56
CA GLN B 353 -20.71 -20.40 -17.12
C GLN B 353 -22.09 -20.41 -16.43
N ARG B 354 -22.88 -19.32 -16.62
CA ARG B 354 -24.23 -19.09 -16.06
C ARG B 354 -25.19 -20.21 -16.44
N PHE B 355 -25.23 -20.60 -17.72
CA PHE B 355 -26.13 -21.63 -18.24
C PHE B 355 -25.47 -22.99 -18.54
N ARG B 356 -24.34 -23.31 -17.86
CA ARG B 356 -23.57 -24.56 -17.99
C ARG B 356 -23.68 -25.16 -19.42
N CYS B 357 -23.47 -24.30 -20.43
CA CYS B 357 -23.55 -24.61 -21.87
C CYS B 357 -22.25 -24.29 -22.60
N SER B 358 -22.25 -24.44 -23.92
CA SER B 358 -21.12 -24.17 -24.80
C SER B 358 -21.63 -23.79 -26.19
N PHE B 359 -21.08 -22.69 -26.73
CA PHE B 359 -21.44 -22.13 -28.03
C PHE B 359 -21.01 -23.02 -29.15
N ARG B 360 -19.89 -23.74 -28.97
CA ARG B 360 -19.34 -24.74 -29.89
C ARG B 360 -20.39 -25.84 -30.04
N GLN B 361 -20.86 -26.37 -28.88
CA GLN B 361 -21.88 -27.40 -28.72
C GLN B 361 -23.28 -27.01 -29.21
N ARG B 362 -23.54 -25.69 -29.30
CA ARG B 362 -24.79 -25.09 -29.76
C ARG B 362 -25.98 -25.36 -28.81
N ASP B 363 -25.69 -25.51 -27.51
CA ASP B 363 -26.75 -25.71 -26.50
C ASP B 363 -26.99 -24.47 -25.60
N CYS B 364 -26.57 -23.26 -26.05
CA CYS B 364 -26.70 -21.98 -25.31
C CYS B 364 -27.97 -21.15 -25.66
N ALA B 365 -28.50 -21.29 -26.91
CA ALA B 365 -29.67 -20.53 -27.41
C ALA B 365 -31.00 -20.78 -26.67
N ALA B 366 -31.15 -21.94 -26.05
CA ALA B 366 -32.35 -22.33 -25.31
C ALA B 366 -32.64 -21.36 -24.17
N HIS B 367 -31.62 -21.12 -23.33
CA HIS B 367 -31.61 -20.28 -22.14
C HIS B 367 -31.98 -18.80 -22.36
N SER B 368 -32.43 -18.13 -21.28
CA SER B 368 -32.85 -16.71 -21.25
C SER B 368 -32.83 -16.13 -19.84
N LEU B 369 -32.36 -14.89 -19.71
CA LEU B 369 -32.26 -14.17 -18.43
C LEU B 369 -33.64 -13.75 -17.91
N ARG B 370 -34.63 -13.59 -18.84
CA ARG B 370 -36.03 -13.23 -18.53
C ARG B 370 -36.73 -14.36 -17.81
N ALA B 371 -36.29 -15.60 -18.03
CA ALA B 371 -36.90 -16.80 -17.46
C ALA B 371 -36.21 -17.27 -16.17
N VAL B 372 -35.34 -16.43 -15.59
CA VAL B 372 -34.62 -16.78 -14.35
C VAL B 372 -34.83 -15.65 -13.28
N PRO B 373 -34.68 -15.92 -11.97
CA PRO B 373 -34.94 -14.86 -10.97
C PRO B 373 -33.87 -13.77 -10.90
N PHE B 374 -34.23 -12.51 -11.29
CA PHE B 374 -33.28 -11.42 -11.27
C PHE B 374 -33.08 -10.83 -9.88
N GLU B 375 -31.80 -10.78 -9.49
CA GLU B 375 -31.36 -10.24 -8.23
C GLU B 375 -30.26 -9.23 -8.49
N GLN B 376 -30.63 -7.96 -8.45
CA GLN B 376 -29.72 -6.87 -8.66
C GLN B 376 -28.71 -6.81 -7.57
N GLU B 377 -27.49 -6.48 -7.94
CA GLU B 377 -26.38 -6.34 -7.02
C GLU B 377 -26.59 -5.01 -6.26
N SER B 378 -26.31 -5.02 -4.96
CA SER B 378 -26.55 -3.91 -4.05
C SER B 378 -25.95 -2.58 -4.48
N LYS B 379 -24.71 -2.58 -4.96
CA LYS B 379 -24.00 -1.37 -5.34
C LYS B 379 -24.24 -0.89 -6.79
N ILE B 380 -25.28 -1.38 -7.48
CA ILE B 380 -25.53 -0.93 -8.87
C ILE B 380 -25.76 0.58 -8.92
N MET B 381 -26.47 1.13 -7.93
CA MET B 381 -26.76 2.58 -7.76
C MET B 381 -25.43 3.34 -7.72
N PHE B 382 -24.48 2.83 -6.95
CA PHE B 382 -23.14 3.39 -6.88
C PHE B 382 -22.42 3.39 -8.22
N VAL B 383 -22.60 2.38 -9.06
CA VAL B 383 -21.98 2.32 -10.39
C VAL B 383 -22.60 3.36 -11.32
N VAL B 384 -23.96 3.48 -11.34
CA VAL B 384 -24.69 4.49 -12.15
C VAL B 384 -24.35 5.91 -11.69
N ASN B 385 -24.45 6.14 -10.39
CA ASN B 385 -24.09 7.42 -9.81
C ASN B 385 -22.68 7.86 -10.21
N ALA B 386 -21.69 6.93 -10.10
CA ALA B 386 -20.30 7.22 -10.45
C ALA B 386 -20.12 7.58 -11.92
N VAL B 387 -20.93 6.98 -12.81
CA VAL B 387 -20.85 7.24 -14.25
C VAL B 387 -21.44 8.61 -14.53
N TYR B 388 -22.60 8.87 -13.93
CA TYR B 388 -23.27 10.15 -14.01
C TYR B 388 -22.45 11.27 -13.42
N ALA B 389 -21.74 11.02 -12.31
CA ALA B 389 -20.87 12.04 -11.70
C ALA B 389 -19.76 12.49 -12.65
N MET B 390 -19.16 11.56 -13.38
CA MET B 390 -18.11 11.90 -14.33
C MET B 390 -18.72 12.66 -15.50
N ALA B 391 -19.97 12.32 -15.88
CA ALA B 391 -20.67 12.97 -17.01
C ALA B 391 -21.08 14.41 -16.68
N HIS B 392 -21.60 14.61 -15.46
CA HIS B 392 -22.00 15.92 -14.96
C HIS B 392 -20.78 16.85 -14.89
N ALA B 393 -19.64 16.33 -14.41
CA ALA B 393 -18.35 17.04 -14.34
C ALA B 393 -17.91 17.53 -15.71
N LEU B 394 -18.04 16.71 -16.75
CA LEU B 394 -17.63 17.05 -18.11
C LEU B 394 -18.56 18.05 -18.74
N HIS B 395 -19.88 17.93 -18.47
CA HIS B 395 -20.91 18.85 -18.98
C HIS B 395 -20.60 20.22 -18.41
N ASN B 396 -20.40 20.27 -17.07
CA ASN B 396 -20.04 21.46 -16.33
C ASN B 396 -18.73 22.07 -16.82
N MET B 397 -17.74 21.22 -17.15
CA MET B 397 -16.46 21.68 -17.69
C MET B 397 -16.67 22.25 -19.07
N HIS B 398 -17.55 21.60 -19.89
CA HIS B 398 -17.88 22.00 -21.25
C HIS B 398 -18.65 23.32 -21.30
N ARG B 399 -19.51 23.56 -20.31
CA ARG B 399 -20.30 24.78 -20.20
C ARG B 399 -19.35 25.93 -19.99
N ALA B 400 -18.35 25.72 -19.12
CA ALA B 400 -17.33 26.72 -18.82
C ALA B 400 -16.29 26.88 -19.92
N LEU B 401 -15.83 25.80 -20.56
CA LEU B 401 -14.73 25.94 -21.53
C LEU B 401 -15.18 26.13 -22.99
N CYS B 402 -16.40 25.74 -23.30
CA CYS B 402 -16.87 25.83 -24.67
C CYS B 402 -18.19 26.57 -24.65
N PRO B 403 -18.12 27.93 -24.55
CA PRO B 403 -19.37 28.72 -24.42
C PRO B 403 -20.28 28.77 -25.65
N ASN B 404 -19.68 28.95 -26.84
CA ASN B 404 -20.44 29.10 -28.08
C ASN B 404 -21.06 27.77 -28.57
N THR B 405 -20.19 26.79 -28.95
CA THR B 405 -20.55 25.46 -29.49
C THR B 405 -21.08 24.46 -28.44
N THR B 406 -21.95 23.52 -28.90
CA THR B 406 -22.55 22.42 -28.12
C THR B 406 -21.62 21.20 -28.21
N ARG B 407 -20.62 21.32 -29.11
CA ARG B 407 -19.66 20.29 -29.41
C ARG B 407 -18.33 20.49 -28.67
N LEU B 408 -17.46 19.47 -28.72
CA LEU B 408 -16.20 19.53 -28.05
C LEU B 408 -15.29 20.53 -28.72
N CYS B 409 -14.96 21.58 -27.98
CA CYS B 409 -14.12 22.68 -28.47
C CYS B 409 -12.63 22.43 -28.17
N ASP B 410 -11.72 23.28 -28.74
CA ASP B 410 -10.26 23.13 -28.61
C ASP B 410 -9.73 23.23 -27.16
N ALA B 411 -10.50 23.86 -26.27
CA ALA B 411 -10.16 24.00 -24.85
C ALA B 411 -10.15 22.61 -24.19
N MET B 412 -11.11 21.75 -24.56
CA MET B 412 -11.24 20.40 -24.02
C MET B 412 -10.50 19.33 -24.88
N ARG B 413 -9.61 19.77 -25.78
CA ARG B 413 -8.78 18.92 -26.65
C ARG B 413 -7.28 19.19 -26.37
N PRO B 414 -6.65 18.49 -25.39
CA PRO B 414 -7.22 17.47 -24.49
C PRO B 414 -7.75 18.08 -23.20
N VAL B 415 -8.58 17.33 -22.48
CA VAL B 415 -9.13 17.74 -21.19
C VAL B 415 -7.98 17.80 -20.17
N ASN B 416 -7.92 18.86 -19.35
CA ASN B 416 -6.94 18.97 -18.29
C ASN B 416 -7.55 18.22 -17.07
N GLY B 417 -6.91 17.13 -16.66
CA GLY B 417 -7.36 16.29 -15.56
C GLY B 417 -7.42 16.99 -14.23
N ARG B 418 -6.36 17.76 -13.90
CA ARG B 418 -6.28 18.50 -12.63
C ARG B 418 -7.48 19.37 -12.45
N ARG B 419 -7.76 20.20 -13.45
CA ARG B 419 -8.87 21.14 -13.52
C ARG B 419 -10.18 20.38 -13.43
N LEU B 420 -10.30 19.28 -14.22
CA LEU B 420 -11.48 18.44 -14.26
C LEU B 420 -11.83 17.90 -12.84
N TYR B 421 -10.84 17.27 -12.17
CA TYR B 421 -11.03 16.67 -10.86
C TYR B 421 -11.32 17.71 -9.76
N LYS B 422 -10.43 18.70 -9.61
CA LYS B 422 -10.47 19.74 -8.58
C LYS B 422 -11.64 20.69 -8.70
N ASP B 423 -11.88 21.22 -9.89
CA ASP B 423 -12.92 22.21 -10.05
C ASP B 423 -14.23 21.68 -10.54
N PHE B 424 -14.28 20.47 -11.16
CA PHE B 424 -15.58 19.97 -11.64
C PHE B 424 -16.04 18.71 -10.92
N VAL B 425 -15.26 17.59 -10.91
CA VAL B 425 -15.66 16.32 -10.23
C VAL B 425 -16.16 16.63 -8.78
N LEU B 426 -15.28 17.18 -7.97
CA LEU B 426 -15.55 17.52 -6.58
C LEU B 426 -16.70 18.55 -6.38
N ASN B 427 -17.12 19.26 -7.44
CA ASN B 427 -18.14 20.30 -7.29
C ASN B 427 -19.46 19.99 -7.94
N VAL B 428 -19.68 18.70 -8.29
CA VAL B 428 -20.97 18.29 -8.86
C VAL B 428 -22.01 18.30 -7.75
N LYS B 429 -23.26 18.60 -8.12
CA LYS B 429 -24.41 18.57 -7.21
C LYS B 429 -25.66 18.40 -8.04
N PHE B 430 -26.11 17.15 -8.19
CA PHE B 430 -27.30 16.84 -8.98
C PHE B 430 -28.13 15.78 -8.31
N ASP B 431 -29.43 15.72 -8.67
CA ASP B 431 -30.33 14.68 -8.16
C ASP B 431 -29.90 13.35 -8.76
N ALA B 432 -29.64 12.35 -7.88
CA ALA B 432 -29.24 11.00 -8.29
C ALA B 432 -30.27 10.43 -9.28
N PRO B 433 -29.85 9.90 -10.46
CA PRO B 433 -30.87 9.39 -11.41
C PRO B 433 -31.54 8.10 -10.94
N PHE B 434 -32.74 7.82 -11.50
CA PHE B 434 -33.57 6.64 -11.25
C PHE B 434 -33.91 6.43 -9.77
N ARG B 435 -33.82 7.49 -8.95
CA ARG B 435 -34.07 7.40 -7.52
C ARG B 435 -35.57 7.21 -7.20
N PRO B 436 -35.94 6.55 -6.07
CA PRO B 436 -37.38 6.43 -5.73
C PRO B 436 -38.00 7.79 -5.40
N ALA B 437 -39.35 7.83 -5.36
CA ALA B 437 -40.11 9.05 -5.01
C ALA B 437 -39.90 9.42 -3.52
N ASP B 438 -39.74 8.39 -2.64
CA ASP B 438 -39.52 8.55 -1.19
C ASP B 438 -38.22 9.30 -0.84
N THR B 439 -37.05 8.72 -1.19
CA THR B 439 -35.74 9.29 -0.92
C THR B 439 -35.33 10.32 -1.97
N HIS B 440 -34.80 11.46 -1.51
CA HIS B 440 -34.30 12.51 -2.40
C HIS B 440 -32.78 12.67 -2.17
N ASN B 441 -32.01 11.81 -2.87
CA ASN B 441 -30.57 11.66 -2.81
C ASN B 441 -29.89 12.49 -3.86
N GLU B 442 -28.82 13.13 -3.46
CA GLU B 442 -27.99 13.90 -4.38
C GLU B 442 -26.68 13.16 -4.59
N VAL B 443 -26.06 13.37 -5.75
CA VAL B 443 -24.73 12.87 -6.03
C VAL B 443 -23.82 14.08 -5.76
N ARG B 444 -23.02 14.00 -4.72
CA ARG B 444 -22.12 15.08 -4.31
C ARG B 444 -20.89 14.53 -3.60
N PHE B 445 -19.75 15.16 -3.80
CA PHE B 445 -18.53 14.73 -3.13
C PHE B 445 -18.19 15.71 -2.00
N ASP B 446 -17.67 15.19 -0.88
CA ASP B 446 -17.23 16.05 0.18
C ASP B 446 -15.81 16.56 -0.15
N ARG B 447 -15.16 17.23 0.82
CA ARG B 447 -13.80 17.81 0.78
C ARG B 447 -12.74 16.78 0.42
N PHE B 448 -12.94 15.53 0.90
CA PHE B 448 -12.07 14.36 0.76
C PHE B 448 -12.40 13.43 -0.42
N GLY B 449 -13.31 13.85 -1.28
CA GLY B 449 -13.80 13.05 -2.41
C GLY B 449 -14.73 11.90 -2.07
N ASP B 450 -15.28 11.85 -0.83
CA ASP B 450 -16.14 10.79 -0.33
C ASP B 450 -17.65 11.02 -0.40
N GLY B 451 -18.38 9.91 -0.36
CA GLY B 451 -19.84 9.87 -0.32
C GLY B 451 -20.37 9.99 1.11
N ILE B 452 -21.69 10.12 1.22
CA ILE B 452 -22.40 10.30 2.49
C ILE B 452 -22.50 8.97 3.22
N GLY B 453 -22.17 8.99 4.51
CA GLY B 453 -22.22 7.82 5.39
C GLY B 453 -23.61 7.28 5.68
N ARG B 454 -24.27 6.72 4.65
CA ARG B 454 -25.60 6.10 4.71
C ARG B 454 -25.49 4.59 4.51
N TYR B 455 -25.97 3.86 5.52
CA TYR B 455 -25.91 2.42 5.60
C TYR B 455 -27.28 1.91 5.99
N ASN B 456 -27.57 0.66 5.59
CA ASN B 456 -28.79 -0.06 5.90
C ASN B 456 -28.40 -1.20 6.78
N ILE B 457 -29.13 -1.40 7.87
CA ILE B 457 -28.91 -2.49 8.82
C ILE B 457 -29.93 -3.58 8.55
N PHE B 458 -29.46 -4.85 8.53
CA PHE B 458 -30.28 -6.04 8.27
C PHE B 458 -30.06 -7.07 9.34
N THR B 459 -31.01 -8.04 9.43
CA THR B 459 -30.90 -9.25 10.23
C THR B 459 -31.31 -10.47 9.41
N TYR B 460 -30.61 -11.59 9.63
CA TYR B 460 -30.91 -12.85 8.96
C TYR B 460 -31.81 -13.64 9.93
N LEU B 461 -33.01 -13.99 9.47
CA LEU B 461 -33.99 -14.70 10.27
C LEU B 461 -34.59 -15.95 9.60
N ARG B 462 -35.03 -16.95 10.43
CA ARG B 462 -35.72 -18.16 9.94
C ARG B 462 -37.18 -17.77 9.77
N ALA B 463 -37.59 -17.55 8.53
CA ALA B 463 -38.93 -17.17 8.17
C ALA B 463 -39.86 -18.39 8.14
N GLY B 464 -41.03 -18.20 7.55
CA GLY B 464 -42.06 -19.22 7.41
C GLY B 464 -41.66 -20.37 6.52
N SER B 465 -42.04 -21.58 6.95
CA SER B 465 -41.85 -22.85 6.26
C SER B 465 -40.39 -23.11 5.89
N GLY B 466 -39.54 -23.08 6.92
CA GLY B 466 -38.10 -23.36 6.84
C GLY B 466 -37.26 -22.55 5.88
N ARG B 467 -37.77 -21.40 5.44
CA ARG B 467 -37.02 -20.53 4.53
C ARG B 467 -36.27 -19.51 5.35
N TYR B 468 -35.09 -19.09 4.87
CA TYR B 468 -34.28 -18.08 5.55
C TYR B 468 -34.19 -16.83 4.68
N ARG B 469 -34.23 -15.66 5.31
CA ARG B 469 -34.14 -14.39 4.59
C ARG B 469 -33.49 -13.27 5.40
N TYR B 470 -33.07 -12.20 4.70
CA TYR B 470 -32.53 -10.99 5.28
C TYR B 470 -33.67 -9.97 5.42
N GLN B 471 -33.78 -9.33 6.58
CA GLN B 471 -34.80 -8.31 6.86
C GLN B 471 -34.15 -7.00 7.28
N LYS B 472 -34.66 -5.86 6.76
CA LYS B 472 -34.17 -4.52 7.12
C LYS B 472 -34.71 -4.09 8.51
N VAL B 473 -33.81 -4.05 9.51
CA VAL B 473 -34.11 -3.69 10.90
C VAL B 473 -33.93 -2.17 11.19
N GLY B 474 -33.21 -1.48 10.32
CA GLY B 474 -32.95 -0.05 10.46
C GLY B 474 -31.88 0.49 9.52
N TYR B 475 -31.32 1.65 9.89
CA TYR B 475 -30.32 2.37 9.11
C TYR B 475 -29.45 3.24 10.02
N TRP B 476 -28.24 3.59 9.53
CA TRP B 476 -27.30 4.48 10.21
C TRP B 476 -26.95 5.66 9.32
N ALA B 477 -27.48 6.83 9.65
CA ALA B 477 -27.22 8.07 8.93
C ALA B 477 -27.15 9.17 9.97
N GLU B 478 -25.92 9.39 10.48
CA GLU B 478 -25.57 10.33 11.57
C GLU B 478 -26.34 9.98 12.86
N GLY B 479 -26.13 8.73 13.25
CA GLY B 479 -26.77 8.11 14.41
C GLY B 479 -27.46 6.82 13.99
N LEU B 480 -27.64 5.95 14.95
CA LEU B 480 -28.29 4.67 14.75
C LEU B 480 -29.82 4.87 14.75
N THR B 481 -30.57 3.99 14.06
CA THR B 481 -32.04 3.99 14.00
C THR B 481 -32.48 2.54 13.90
N LEU B 482 -33.08 2.03 14.98
CA LEU B 482 -33.54 0.65 15.04
C LEU B 482 -35.00 0.50 15.43
N ASP B 483 -35.59 -0.59 14.95
CA ASP B 483 -36.93 -1.07 15.23
C ASP B 483 -36.71 -2.53 15.56
N THR B 484 -36.48 -2.79 16.87
CA THR B 484 -36.18 -4.12 17.41
C THR B 484 -37.41 -5.07 17.31
N SER B 485 -38.60 -4.53 16.96
CA SER B 485 -39.82 -5.33 16.75
C SER B 485 -39.56 -6.35 15.62
N LEU B 486 -38.89 -5.88 14.52
CA LEU B 486 -38.49 -6.67 13.36
C LEU B 486 -37.37 -7.66 13.69
N ILE B 487 -36.63 -7.41 14.80
CA ILE B 487 -35.55 -8.31 15.25
C ILE B 487 -36.17 -9.45 16.09
N PRO B 488 -35.96 -10.74 15.69
CA PRO B 488 -36.55 -11.85 16.45
C PRO B 488 -36.06 -11.96 17.90
N TRP B 489 -34.74 -12.20 18.11
CA TRP B 489 -34.09 -12.37 19.42
C TRP B 489 -34.13 -11.14 20.36
N ALA B 490 -34.69 -10.00 19.91
CA ALA B 490 -34.79 -8.76 20.68
C ALA B 490 -35.75 -8.87 21.87
C1 NAG C . 15.36 -14.24 33.93
C2 NAG C . 16.74 -13.92 34.52
C3 NAG C . 17.50 -15.24 34.75
C4 NAG C . 16.69 -16.16 35.64
C5 NAG C . 15.34 -16.44 34.99
C6 NAG C . 14.41 -17.31 35.81
C7 NAG C . 17.73 -11.71 34.03
C8 NAG C . 18.77 -11.00 33.22
N2 NAG C . 17.52 -13.01 33.71
O3 NAG C . 18.77 -14.97 35.34
O4 NAG C . 17.39 -17.39 35.87
O5 NAG C . 14.65 -15.20 34.73
O6 NAG C . 14.28 -16.88 37.18
O7 NAG C . 17.09 -11.16 34.93
C7 52Q D . 14.59 4.02 6.64
C6 52Q D . 15.90 3.35 6.84
C1 52Q D . 14.46 8.32 8.53
C5 52Q D . 13.49 2.37 7.87
C4 52Q D . 12.83 1.26 5.99
C3 52Q D . 16.98 3.93 6.17
C2 52Q D . 13.79 6.30 8.76
C8 52Q D . 14.85 2.71 6.01
C9 52Q D . 13.50 3.84 7.59
C10 52Q D . 14.09 1.67 6.70
N11 52Q D . 13.22 8.29 8.19
N12 52Q D . 12.79 7.01 8.34
N13 52Q D . 14.87 7.09 8.90
N14 52Q D . 14.90 0.57 7.18
O15 52Q D . 16.79 4.35 4.91
O16 52Q D . 12.72 -0.04 5.67
O17 52Q D . 18.04 4.05 6.80
O18 52Q D . 12.02 2.19 5.80
S19 52Q D . 13.86 4.64 9.13
C7 52Q E . -15.54 -5.28 -2.01
C6 52Q E . -16.83 -4.56 -1.95
C1 52Q E . -14.57 -9.98 -2.09
C5 52Q E . -14.90 -4.61 0.14
C4 52Q E . -13.64 -2.89 -0.65
C3 52Q E . -17.56 -4.56 -3.15
C2 52Q E . -15.59 -8.43 -1.02
C8 52Q E . -15.55 -3.80 -1.95
C9 52Q E . -14.92 -5.78 -0.79
C10 52Q E . -15.06 -3.36 -0.65
N11 52Q E . -15.84 -10.11 -2.32
N12 52Q E . -16.48 -9.12 -1.63
N13 52Q E . -14.36 -8.93 -1.27
N14 52Q E . -15.98 -2.49 0.08
O15 52Q E . -16.89 -4.74 -4.31
O16 52Q E . -12.80 -3.72 -1.04
O17 52Q E . -18.78 -4.41 -3.06
O18 52Q E . -13.43 -1.64 -0.23
S19 52Q E . -15.88 -7.08 -0.02
#